data_6AOI
#
_entry.id   6AOI
#
_cell.length_a   53.437
_cell.length_b   145.053
_cell.length_c   174.503
_cell.angle_alpha   90.00
_cell.angle_beta   90.00
_cell.angle_gamma   90.00
#
_symmetry.space_group_name_H-M   'P 21 21 21'
#
loop_
_entity.id
_entity.type
_entity.pdbx_description
1 polymer 'Bifunctional dihydrofolate reductase-thymidylate synthase'
2 non-polymer "2'-DEOXYURIDINE 5'-MONOPHOSPHATE"
3 non-polymer 'NADPH DIHYDRO-NICOTINAMIDE-ADENINE-DINUCLEOTIDE PHOSPHATE'
4 non-polymer '10-PROPARGYL-5,8-DIDEAZAFOLIC ACID'
5 non-polymer 5-(4-phenylpiperazin-1-yl)-6-propylpyrimidine-2,4-diamine
#
_entity_poly.entity_id   1
_entity_poly.type   'polypeptide(L)'
_entity_poly.pdbx_seq_one_letter_code
;MQKPVCLVVAMTPKRGIGINNGLPWPHLTTDFKHFSRVTKTTPEEASRFNAVVMGRKTWESMPRKFRPLVDRLNIVVSSS
LKEEDIAAEKPQAEGQQRVRVCASLPAALSLLEEEYKDSVDQIFVVGGAGLYEAALSLGVASHLYITRVAREFPCDVFFP
AFPGDDILSNKSTAAEKDNEATYRPIFISKTFSDNGVPYDFVVLEKRRKTDDAATAEPSNAMSSLTSTRETTPVHGLQAP
SSAAAIAPVLAWMDEEDRKKREQKELIRAVPHVHFRGHEEFQYLDLIADIINNGRTMDDRTGVGVISKFGCTMRYSLDQA
FPLLTTKRVFWKGVLEELLWFIRGDTNANHLSEKGVKIWDKNVTREFLDSRNLPHREVGDIGPGYGFQWRHFGAAYKDMH
TDYTGQGVDQLKNVIQMLRTNPTDRRMLMTAWNPAALDEMALPPCHLLCQFYVNDQKELSCIMYQRSCDVGLGVPFNIAS
YSLLTLMVAHVCNLKPKEFIHFMGNTHVYTNHVEALKEQLRREPRPFPIVNILNKERIKEIDDFTAEDFEVVGYVPHGRI
QMEMAV
;
_entity_poly.pdbx_strand_id   A,B
#
# COMPACT_ATOMS: atom_id res chain seq x y z
N LYS A 3 -16.92 38.43 7.81
CA LYS A 3 -15.79 39.30 8.31
C LYS A 3 -14.40 38.82 7.87
N PRO A 4 -14.16 37.49 7.81
CA PRO A 4 -12.89 37.03 7.23
C PRO A 4 -12.99 36.82 5.71
N VAL A 5 -11.92 37.18 5.00
CA VAL A 5 -11.91 37.13 3.55
C VAL A 5 -10.90 36.10 3.01
N CYS A 6 -11.16 35.58 1.81
CA CYS A 6 -10.28 34.59 1.19
C CYS A 6 -9.64 35.09 -0.09
N LEU A 7 -8.32 34.98 -0.17
CA LEU A 7 -7.58 35.31 -1.38
C LEU A 7 -7.51 34.12 -2.30
N VAL A 8 -7.67 34.36 -3.59
CA VAL A 8 -7.52 33.32 -4.60
C VAL A 8 -6.65 33.84 -5.74
N VAL A 9 -5.56 33.11 -6.00
CA VAL A 9 -4.49 33.58 -6.88
C VAL A 9 -3.80 32.42 -7.56
N ALA A 10 -3.41 32.64 -8.81
CA ALA A 10 -2.45 31.77 -9.47
C ALA A 10 -1.15 32.57 -9.56
N MET A 11 -0.04 31.92 -9.27
CA MET A 11 1.19 32.65 -9.01
C MET A 11 2.41 31.97 -9.62
N THR A 12 3.41 32.79 -9.92
CA THR A 12 4.70 32.33 -10.44
C THR A 12 5.66 32.10 -9.26
N PRO A 13 6.69 31.25 -9.43
CA PRO A 13 7.65 31.04 -8.34
C PRO A 13 8.25 32.35 -7.81
N LYS A 14 8.51 33.30 -8.70
CA LYS A 14 8.94 34.63 -8.31
C LYS A 14 7.76 35.57 -7.98
N ARG A 15 6.65 34.97 -7.54
CA ARG A 15 5.45 35.70 -7.10
C ARG A 15 4.67 36.43 -8.19
N GLY A 16 5.07 36.25 -9.44
CA GLY A 16 4.45 36.95 -10.57
C GLY A 16 3.03 36.50 -10.86
N ILE A 17 2.13 37.46 -11.08
CA ILE A 17 0.72 37.15 -11.36
C ILE A 17 0.17 37.70 -12.68
N GLY A 18 0.89 38.62 -13.33
CA GLY A 18 0.39 39.22 -14.57
C GLY A 18 1.39 40.00 -15.41
N ILE A 19 1.03 40.19 -16.68
CA ILE A 19 1.79 40.99 -17.63
C ILE A 19 0.87 41.58 -18.70
N ASN A 20 1.05 42.87 -19.01
CA ASN A 20 0.26 43.57 -20.02
C ASN A 20 -1.25 43.53 -19.79
N ASN A 21 -1.65 43.71 -18.54
CA ASN A 21 -3.05 43.56 -18.14
C ASN A 21 -3.63 42.22 -18.62
N GLY A 22 -2.89 41.15 -18.36
CA GLY A 22 -3.27 39.81 -18.80
C GLY A 22 -2.53 38.76 -18.00
N LEU A 23 -2.75 37.49 -18.36
CA LEU A 23 -2.12 36.37 -17.66
C LEU A 23 -0.82 35.93 -18.32
N PRO A 24 0.22 35.68 -17.52
CA PRO A 24 1.57 35.43 -18.03
C PRO A 24 1.71 34.12 -18.81
N TRP A 25 0.96 33.12 -18.39
CA TRP A 25 1.05 31.77 -18.95
C TRP A 25 -0.04 31.54 -19.99
N PRO A 26 0.09 30.47 -20.81
CA PRO A 26 -1.04 30.02 -21.62
C PRO A 26 -2.23 29.60 -20.74
N HIS A 27 -3.32 29.19 -21.38
N HIS A 27 -3.35 29.21 -21.33
CA HIS A 27 -4.54 28.89 -20.62
CA HIS A 27 -4.50 28.85 -20.54
C HIS A 27 -4.41 27.58 -19.83
C HIS A 27 -4.11 27.65 -19.76
N LEU A 28 -4.48 27.71 -18.49
CA LEU A 28 -4.43 26.56 -17.58
C LEU A 28 -5.85 26.15 -17.20
N THR A 29 -6.39 25.16 -17.92
CA THR A 29 -7.83 24.83 -17.81
C THR A 29 -8.28 24.34 -16.44
N THR A 30 -7.52 23.42 -15.84
CA THR A 30 -7.86 22.89 -14.53
C THR A 30 -7.90 24.02 -13.49
N ASP A 31 -7.00 24.98 -13.62
CA ASP A 31 -7.02 26.16 -12.76
C ASP A 31 -8.33 26.92 -12.93
N PHE A 32 -8.73 27.13 -14.18
CA PHE A 32 -9.96 27.82 -14.49
C PHE A 32 -11.17 27.12 -13.86
N LYS A 33 -11.17 25.80 -13.90
CA LYS A 33 -12.20 24.99 -13.26
C LYS A 33 -12.13 25.16 -11.73
N HIS A 34 -10.94 25.00 -11.18
CA HIS A 34 -10.69 25.20 -9.75
C HIS A 34 -11.23 26.55 -9.28
N PHE A 35 -10.87 27.61 -10.02
CA PHE A 35 -11.30 28.96 -9.66
C PHE A 35 -12.82 29.08 -9.73
N SER A 36 -13.39 28.48 -10.76
CA SER A 36 -14.82 28.56 -11.02
C SER A 36 -15.64 28.00 -9.85
N ARG A 37 -15.24 26.83 -9.39
CA ARG A 37 -15.99 26.11 -8.34
C ARG A 37 -15.77 26.72 -6.95
N VAL A 38 -14.51 27.00 -6.62
CA VAL A 38 -14.15 27.55 -5.31
C VAL A 38 -14.86 28.87 -5.03
N THR A 39 -15.08 29.66 -6.09
CA THR A 39 -15.72 30.97 -5.94
C THR A 39 -17.25 30.87 -5.96
N LYS A 40 -17.78 29.82 -6.58
CA LYS A 40 -19.24 29.71 -6.78
C LYS A 40 -19.99 28.85 -5.76
N THR A 41 -19.47 27.66 -5.45
CA THR A 41 -20.18 26.68 -4.60
C THR A 41 -20.48 27.18 -3.18
N THR A 42 -21.72 26.96 -2.75
CA THR A 42 -22.26 27.48 -1.48
C THR A 42 -23.16 26.42 -0.81
N PRO A 43 -23.07 26.31 0.54
CA PRO A 43 -23.96 25.38 1.27
C PRO A 43 -25.44 25.75 1.18
N ALA A 46 -28.02 27.70 -0.76
CA ALA A 46 -29.47 27.69 -0.93
C ALA A 46 -30.01 29.07 -1.30
N SER A 47 -29.93 30.00 -0.36
CA SER A 47 -30.43 31.37 -0.55
C SER A 47 -29.30 32.35 -0.87
N ARG A 48 -28.10 32.02 -0.42
CA ARG A 48 -26.94 32.91 -0.45
C ARG A 48 -26.15 32.81 -1.76
N PHE A 49 -25.16 33.68 -1.90
CA PHE A 49 -24.19 33.63 -2.99
C PHE A 49 -22.85 34.16 -2.49
N ASN A 50 -21.81 34.07 -3.31
CA ASN A 50 -20.49 34.54 -2.92
C ASN A 50 -20.12 35.88 -3.54
N ALA A 51 -19.26 36.62 -2.85
CA ALA A 51 -18.78 37.90 -3.34
C ALA A 51 -17.34 37.80 -3.82
N VAL A 52 -17.07 38.42 -4.96
CA VAL A 52 -15.72 38.49 -5.51
C VAL A 52 -15.31 39.94 -5.66
N VAL A 53 -14.06 40.22 -5.35
CA VAL A 53 -13.57 41.59 -5.26
C VAL A 53 -12.27 41.73 -6.06
N MET A 54 -12.15 42.83 -6.81
CA MET A 54 -11.02 43.04 -7.69
C MET A 54 -10.71 44.51 -7.91
N GLY A 55 -9.47 44.77 -8.34
CA GLY A 55 -9.05 46.09 -8.80
C GLY A 55 -9.59 46.39 -10.18
N ARG A 56 -9.43 47.63 -10.61
CA ARG A 56 -9.96 48.10 -11.89
C ARG A 56 -9.35 47.36 -13.07
N LYS A 57 -8.04 47.15 -13.02
CA LYS A 57 -7.30 46.51 -14.11
C LYS A 57 -7.56 45.00 -14.23
N THR A 58 -7.82 44.34 -13.10
CA THR A 58 -8.24 42.93 -13.10
C THR A 58 -9.58 42.78 -13.83
N TRP A 59 -10.51 43.70 -13.55
CA TRP A 59 -11.79 43.74 -14.25
C TRP A 59 -11.57 44.01 -15.73
N GLU A 60 -10.58 44.84 -16.04
CA GLU A 60 -10.27 45.21 -17.43
C GLU A 60 -9.60 44.08 -18.21
N SER A 61 -8.75 43.32 -17.54
CA SER A 61 -7.99 42.23 -18.17
C SER A 61 -8.86 41.04 -18.59
N MET A 62 -10.04 40.96 -18.00
CA MET A 62 -10.97 39.85 -18.16
C MET A 62 -11.67 39.90 -19.52
N PRO A 63 -11.86 38.74 -20.18
CA PRO A 63 -12.64 38.65 -21.41
C PRO A 63 -14.06 39.16 -21.22
N ARG A 64 -14.66 39.65 -22.30
CA ARG A 64 -15.99 40.26 -22.25
C ARG A 64 -17.09 39.26 -21.94
N LYS A 65 -16.97 38.05 -22.49
CA LYS A 65 -17.97 37.00 -22.29
C LYS A 65 -18.01 36.48 -20.84
N PHE A 66 -16.95 36.72 -20.09
CA PHE A 66 -16.84 36.24 -18.71
C PHE A 66 -17.16 37.30 -17.65
N ARG A 67 -17.02 38.58 -18.00
CA ARG A 67 -17.30 39.66 -17.06
C ARG A 67 -18.68 40.31 -17.29
N PRO A 68 -19.48 40.46 -16.21
CA PRO A 68 -19.18 40.07 -14.83
C PRO A 68 -19.24 38.56 -14.62
N LEU A 69 -18.59 38.09 -13.55
CA LEU A 69 -18.58 36.67 -13.23
C LEU A 69 -19.94 36.21 -12.75
N VAL A 70 -20.53 35.28 -13.50
CA VAL A 70 -21.87 34.81 -13.23
C VAL A 70 -21.99 34.17 -11.84
N ASP A 71 -23.16 34.33 -11.24
CA ASP A 71 -23.51 33.73 -9.94
C ASP A 71 -22.69 34.26 -8.76
N ARG A 72 -22.01 35.38 -8.95
CA ARG A 72 -21.18 35.99 -7.91
C ARG A 72 -21.36 37.51 -7.90
N LEU A 73 -21.38 38.11 -6.72
CA LEU A 73 -21.38 39.57 -6.65
C LEU A 73 -19.98 40.11 -6.96
N ASN A 74 -19.87 40.78 -8.11
CA ASN A 74 -18.63 41.39 -8.53
C ASN A 74 -18.49 42.78 -7.89
N ILE A 75 -17.31 43.07 -7.34
CA ILE A 75 -17.03 44.38 -6.77
C ILE A 75 -15.66 44.87 -7.23
N VAL A 76 -15.58 46.13 -7.64
CA VAL A 76 -14.37 46.68 -8.21
C VAL A 76 -13.87 47.86 -7.39
N VAL A 77 -12.62 47.78 -6.95
CA VAL A 77 -11.96 48.88 -6.25
C VAL A 77 -11.27 49.78 -7.27
N SER A 78 -11.71 51.03 -7.32
CA SER A 78 -11.27 51.99 -8.33
C SER A 78 -11.65 53.41 -7.93
N SER A 79 -11.09 54.39 -8.62
CA SER A 79 -11.45 55.80 -8.44
C SER A 79 -11.77 56.45 -9.78
N SER A 80 -11.26 55.86 -10.85
CA SER A 80 -11.57 56.31 -12.21
C SER A 80 -12.87 55.67 -12.72
N LEU A 81 -12.94 54.34 -12.69
CA LEU A 81 -14.15 53.63 -13.08
C LEU A 81 -15.32 53.95 -12.15
N LYS A 82 -16.51 54.09 -12.75
CA LYS A 82 -17.73 54.36 -12.00
C LYS A 82 -18.76 53.29 -12.33
N GLU A 83 -19.74 53.13 -11.44
CA GLU A 83 -20.71 52.04 -11.54
C GLU A 83 -21.49 52.04 -12.85
N GLU A 84 -21.77 53.23 -13.38
CA GLU A 84 -22.52 53.35 -14.63
C GLU A 84 -21.70 53.10 -15.90
N ASP A 85 -20.37 53.08 -15.77
CA ASP A 85 -19.49 52.64 -16.85
C ASP A 85 -19.70 51.15 -17.09
N ILE A 86 -19.79 50.41 -15.99
CA ILE A 86 -19.91 48.94 -16.02
C ILE A 86 -21.31 48.45 -16.43
N ALA A 87 -22.35 49.16 -16.00
CA ALA A 87 -23.73 48.82 -16.38
C ALA A 87 -23.97 49.06 -17.88
N ALA A 88 -23.43 50.17 -18.39
CA ALA A 88 -23.51 50.50 -19.80
C ALA A 88 -22.39 49.82 -20.62
N GLU A 89 -21.78 48.79 -20.04
CA GLU A 89 -20.76 47.99 -20.71
C GLU A 89 -21.40 46.74 -21.33
N LYS A 90 -22.17 46.00 -20.51
CA LYS A 90 -22.88 44.80 -20.97
C LYS A 90 -24.32 44.81 -20.45
N PRO A 91 -25.29 44.45 -21.30
CA PRO A 91 -26.67 44.28 -20.85
C PRO A 91 -26.77 43.29 -19.70
N GLN A 92 -27.52 43.67 -18.67
CA GLN A 92 -27.71 42.83 -17.49
C GLN A 92 -28.65 41.67 -17.80
N ALA A 93 -28.23 40.47 -17.44
CA ALA A 93 -29.08 39.29 -17.52
C ALA A 93 -29.98 39.27 -16.29
N GLU A 94 -31.13 38.62 -16.42
CA GLU A 94 -32.12 38.54 -15.33
C GLU A 94 -31.71 37.51 -14.27
N GLY A 95 -31.58 37.98 -13.03
CA GLY A 95 -31.23 37.11 -11.91
C GLY A 95 -29.85 37.36 -11.30
N GLN A 96 -29.07 38.21 -11.96
CA GLN A 96 -27.70 38.51 -11.51
C GLN A 96 -27.67 39.68 -10.53
N GLN A 97 -26.47 39.96 -10.01
CA GLN A 97 -26.24 41.11 -9.14
C GLN A 97 -25.63 42.28 -9.92
N ARG A 98 -25.96 43.49 -9.48
CA ARG A 98 -25.33 44.67 -10.06
C ARG A 98 -23.94 44.88 -9.48
N VAL A 99 -22.94 44.91 -10.35
CA VAL A 99 -21.55 45.11 -9.95
C VAL A 99 -21.41 46.43 -9.21
N ARG A 100 -20.62 46.43 -8.13
CA ARG A 100 -20.44 47.62 -7.32
C ARG A 100 -19.01 48.16 -7.37
N VAL A 101 -18.88 49.47 -7.12
CA VAL A 101 -17.56 50.12 -7.15
C VAL A 101 -17.30 50.92 -5.87
N CYS A 102 -16.08 50.81 -5.36
CA CYS A 102 -15.67 51.49 -4.14
C CYS A 102 -14.25 52.04 -4.30
N ALA A 103 -13.90 53.03 -3.48
CA ALA A 103 -12.61 53.69 -3.60
C ALA A 103 -11.47 52.89 -2.97
N SER A 104 -11.81 52.06 -1.97
CA SER A 104 -10.82 51.24 -1.28
C SER A 104 -11.42 49.92 -0.77
N LEU A 105 -10.54 48.96 -0.50
CA LEU A 105 -10.93 47.66 0.05
C LEU A 105 -11.65 47.75 1.42
N PRO A 106 -11.15 48.59 2.34
CA PRO A 106 -11.89 48.82 3.59
C PRO A 106 -13.34 49.27 3.36
N ALA A 107 -13.54 50.20 2.42
CA ALA A 107 -14.86 50.65 2.01
C ALA A 107 -15.66 49.51 1.37
N ALA A 108 -14.95 48.65 0.64
CA ALA A 108 -15.56 47.49 0.01
C ALA A 108 -16.12 46.53 1.06
N LEU A 109 -15.34 46.30 2.12
CA LEU A 109 -15.76 45.42 3.22
C LEU A 109 -16.95 46.03 3.97
N SER A 110 -16.95 47.36 4.07
CA SER A 110 -18.07 48.10 4.65
C SER A 110 -19.34 47.83 3.87
N LEU A 111 -19.27 47.97 2.56
CA LEU A 111 -20.40 47.71 1.66
C LEU A 111 -20.98 46.30 1.86
N LEU A 112 -20.10 45.34 2.13
CA LEU A 112 -20.49 43.96 2.38
C LEU A 112 -21.32 43.80 3.64
N GLU A 113 -20.88 44.45 4.72
CA GLU A 113 -21.62 44.45 5.98
C GLU A 113 -22.90 45.27 5.88
N GLU A 114 -22.74 46.56 5.57
CA GLU A 114 -23.83 47.54 5.51
C GLU A 114 -25.08 47.04 4.78
N GLU A 115 -24.90 46.59 3.56
CA GLU A 115 -26.03 46.28 2.68
C GLU A 115 -26.21 44.80 2.39
N TYR A 116 -25.09 44.09 2.21
CA TYR A 116 -25.13 42.72 1.69
C TYR A 116 -25.02 41.61 2.75
N LYS A 117 -25.42 41.90 3.99
CA LYS A 117 -25.59 40.84 4.98
C LYS A 117 -26.85 40.05 4.65
N ASP A 118 -26.91 38.80 5.13
CA ASP A 118 -27.99 37.86 4.80
C ASP A 118 -28.01 37.49 3.31
N SER A 119 -27.09 38.09 2.55
CA SER A 119 -27.02 37.90 1.11
C SER A 119 -25.77 37.13 0.68
N VAL A 120 -24.60 37.56 1.16
CA VAL A 120 -23.31 36.92 0.79
C VAL A 120 -22.81 35.91 1.83
N ASP A 121 -22.33 34.76 1.33
CA ASP A 121 -21.74 33.75 2.20
C ASP A 121 -20.26 34.05 2.41
N GLN A 122 -19.46 33.83 1.37
CA GLN A 122 -18.02 34.05 1.44
C GLN A 122 -17.54 35.16 0.53
N ILE A 123 -16.51 35.87 1.00
CA ILE A 123 -15.90 36.97 0.27
C ILE A 123 -14.54 36.55 -0.28
N PHE A 124 -14.30 36.86 -1.55
CA PHE A 124 -13.06 36.49 -2.21
C PHE A 124 -12.39 37.68 -2.89
N VAL A 125 -11.20 38.03 -2.41
CA VAL A 125 -10.33 38.97 -3.13
C VAL A 125 -9.72 38.20 -4.30
N VAL A 126 -9.78 38.81 -5.48
CA VAL A 126 -9.57 38.09 -6.72
C VAL A 126 -8.52 38.77 -7.61
N GLY A 127 -7.95 39.87 -7.11
CA GLY A 127 -6.84 40.55 -7.81
C GLY A 127 -7.05 42.05 -7.96
N GLY A 128 -6.00 42.80 -8.29
CA GLY A 128 -4.63 42.31 -8.44
C GLY A 128 -3.76 42.71 -7.25
N ALA A 129 -2.48 42.96 -7.53
CA ALA A 129 -1.48 43.25 -6.48
C ALA A 129 -1.93 44.32 -5.49
N GLY A 130 -2.61 45.35 -5.99
CA GLY A 130 -3.12 46.44 -5.17
C GLY A 130 -3.99 45.94 -4.04
N LEU A 131 -4.99 45.14 -4.39
CA LEU A 131 -5.93 44.60 -3.41
C LEU A 131 -5.35 43.51 -2.52
N TYR A 132 -4.53 42.63 -3.11
CA TYR A 132 -3.85 41.58 -2.36
C TYR A 132 -2.94 42.21 -1.31
N GLU A 133 -2.18 43.21 -1.72
CA GLU A 133 -1.32 43.98 -0.83
C GLU A 133 -2.14 44.67 0.27
N ALA A 134 -3.35 45.10 -0.09
CA ALA A 134 -4.27 45.73 0.84
C ALA A 134 -4.85 44.75 1.87
N ALA A 135 -5.32 43.60 1.38
CA ALA A 135 -5.97 42.58 2.23
C ALA A 135 -5.02 42.00 3.29
N LEU A 136 -3.75 41.89 2.94
CA LEU A 136 -2.70 41.47 3.85
C LEU A 136 -2.38 42.54 4.92
N SER A 137 -2.42 43.81 4.51
CA SER A 137 -2.19 44.94 5.40
C SER A 137 -3.22 44.95 6.53
N LEU A 138 -4.50 44.90 6.16
CA LEU A 138 -5.61 44.99 7.11
C LEU A 138 -5.68 43.78 8.04
N GLY A 139 -5.19 42.64 7.55
CA GLY A 139 -5.19 41.39 8.31
C GLY A 139 -6.57 40.78 8.44
N VAL A 140 -7.35 40.81 7.37
CA VAL A 140 -8.69 40.23 7.35
C VAL A 140 -8.72 38.94 6.53
N ALA A 141 -7.56 38.58 5.96
CA ALA A 141 -7.43 37.40 5.11
C ALA A 141 -7.23 36.11 5.91
N SER A 142 -8.29 35.32 6.00
CA SER A 142 -8.26 34.04 6.73
C SER A 142 -7.54 32.93 5.95
N HIS A 143 -7.81 32.85 4.65
CA HIS A 143 -7.27 31.79 3.82
C HIS A 143 -6.81 32.26 2.45
N LEU A 144 -5.67 31.73 2.01
CA LEU A 144 -5.17 32.03 0.68
C LEU A 144 -5.19 30.76 -0.16
N TYR A 145 -5.98 30.80 -1.24
CA TYR A 145 -6.03 29.71 -2.22
C TYR A 145 -5.05 30.00 -3.33
N ILE A 146 -3.86 29.41 -3.25
CA ILE A 146 -2.79 29.66 -4.20
C ILE A 146 -2.61 28.52 -5.20
N THR A 147 -2.68 28.85 -6.48
CA THR A 147 -2.30 27.93 -7.54
C THR A 147 -0.85 28.21 -7.86
N ARG A 148 0.01 27.25 -7.56
CA ARG A 148 1.45 27.45 -7.75
C ARG A 148 1.84 27.04 -9.16
N VAL A 149 1.98 28.03 -10.04
CA VAL A 149 2.55 27.81 -11.37
C VAL A 149 4.06 27.60 -11.18
N ALA A 150 4.54 26.43 -11.59
CA ALA A 150 5.93 26.04 -11.31
C ALA A 150 6.91 26.65 -12.30
N ARG A 151 6.42 27.02 -13.48
CA ARG A 151 7.25 27.64 -14.50
C ARG A 151 7.37 29.14 -14.30
N GLU A 152 8.54 29.65 -14.67
CA GLU A 152 8.83 31.06 -14.62
C GLU A 152 8.32 31.73 -15.89
N PHE A 153 7.66 32.88 -15.72
CA PHE A 153 7.10 33.61 -16.86
C PHE A 153 7.38 35.12 -16.73
N PRO A 154 7.49 35.82 -17.88
CA PRO A 154 7.55 37.28 -17.89
C PRO A 154 6.33 37.92 -17.24
N CYS A 155 6.58 38.75 -16.23
CA CYS A 155 5.52 39.45 -15.49
C CYS A 155 5.93 40.87 -15.11
N ASP A 156 4.93 41.76 -15.01
CA ASP A 156 5.17 43.13 -14.53
C ASP A 156 4.41 43.45 -13.25
N VAL A 157 3.39 42.65 -12.95
CA VAL A 157 2.62 42.77 -11.71
C VAL A 157 2.87 41.54 -10.85
N PHE A 158 3.32 41.76 -9.61
CA PHE A 158 3.69 40.69 -8.68
C PHE A 158 2.73 40.57 -7.49
N PHE A 159 2.70 39.39 -6.85
CA PHE A 159 1.97 39.21 -5.61
C PHE A 159 2.80 39.75 -4.45
N PRO A 160 2.16 40.39 -3.45
CA PRO A 160 2.97 40.95 -2.37
C PRO A 160 3.74 39.87 -1.62
N ALA A 161 4.88 40.24 -1.05
CA ALA A 161 5.61 39.35 -0.15
C ALA A 161 4.79 39.10 1.13
N PHE A 162 4.94 37.91 1.71
CA PHE A 162 4.24 37.55 2.96
C PHE A 162 4.98 36.45 3.73
N PRO A 163 4.92 36.48 5.08
CA PRO A 163 5.52 35.40 5.88
C PRO A 163 4.87 34.04 5.56
N GLY A 164 5.68 33.13 5.06
CA GLY A 164 5.17 31.83 4.61
C GLY A 164 5.15 31.72 3.10
N ASP A 165 5.77 32.67 2.41
CA ASP A 165 5.95 32.58 0.96
C ASP A 165 7.10 31.63 0.59
N ASP A 166 7.54 30.84 1.56
CA ASP A 166 8.52 29.78 1.33
C ASP A 166 7.87 28.58 0.61
N ILE A 167 6.54 28.59 0.54
CA ILE A 167 5.83 27.59 -0.25
C ILE A 167 5.99 27.82 -1.75
N LEU A 168 6.55 28.98 -2.13
CA LEU A 168 6.72 29.33 -3.54
C LEU A 168 8.15 29.10 -4.02
N SER A 169 9.12 29.50 -3.19
CA SER A 169 10.54 29.32 -3.50
C SER A 169 11.42 29.50 -2.27
N ASN A 170 12.73 29.37 -2.48
CA ASN A 170 13.69 29.39 -1.40
C ASN A 170 13.97 30.80 -0.88
N LYS A 171 14.35 30.88 0.40
CA LYS A 171 14.71 32.15 1.02
C LYS A 171 16.22 32.26 1.26
N ALA A 181 1.82 36.64 13.06
CA ALA A 181 0.78 36.27 12.11
C ALA A 181 1.39 35.78 10.80
N THR A 182 1.48 34.46 10.64
CA THR A 182 2.09 33.84 9.45
C THR A 182 1.10 32.93 8.69
N TYR A 183 1.45 32.59 7.45
CA TYR A 183 0.59 31.77 6.59
C TYR A 183 1.14 30.36 6.34
N ARG A 184 0.54 29.39 7.02
CA ARG A 184 0.97 27.99 6.95
C ARG A 184 0.06 27.12 6.08
N PRO A 185 0.66 26.27 5.21
CA PRO A 185 -0.08 25.37 4.36
C PRO A 185 -0.92 24.39 5.15
N ILE A 186 -2.11 24.08 4.65
CA ILE A 186 -3.00 23.12 5.28
C ILE A 186 -3.55 22.14 4.25
N PHE A 187 -3.16 22.36 2.98
CA PHE A 187 -3.62 21.58 1.83
C PHE A 187 -2.64 21.74 0.68
N ILE A 188 -2.07 20.64 0.22
CA ILE A 188 -1.24 20.65 -0.97
C ILE A 188 -1.66 19.51 -1.89
N SER A 189 -2.07 19.84 -3.10
CA SER A 189 -2.56 18.87 -4.08
C SER A 189 -1.42 18.31 -4.93
N LYS A 190 -1.73 17.28 -5.72
CA LYS A 190 -0.77 16.69 -6.64
C LYS A 190 -0.57 17.64 -7.82
N THR A 191 0.45 17.39 -8.61
CA THR A 191 0.78 18.27 -9.72
C THR A 191 -0.12 17.99 -10.94
N PHE A 192 -0.65 19.08 -11.49
CA PHE A 192 -1.38 19.09 -12.76
C PHE A 192 -0.55 19.82 -13.79
N SER A 193 -0.81 19.57 -15.07
CA SER A 193 -0.18 20.38 -16.12
C SER A 193 -1.08 20.61 -17.33
N ASP A 194 -0.98 21.83 -17.90
CA ASP A 194 -1.69 22.23 -19.11
C ASP A 194 -0.72 23.01 -19.97
N ASN A 195 -0.74 22.75 -21.28
CA ASN A 195 0.12 23.43 -22.25
C ASN A 195 1.59 23.53 -21.82
N GLY A 196 2.14 22.42 -21.33
CA GLY A 196 3.53 22.38 -20.89
C GLY A 196 3.83 23.19 -19.63
N VAL A 197 2.80 23.54 -18.87
CA VAL A 197 2.97 24.28 -17.62
C VAL A 197 2.56 23.42 -16.44
N PRO A 198 3.53 22.99 -15.60
CA PRO A 198 3.13 22.25 -14.40
C PRO A 198 2.67 23.21 -13.30
N TYR A 199 1.65 22.80 -12.54
CA TYR A 199 1.16 23.58 -11.41
C TYR A 199 0.36 22.69 -10.44
N ASP A 200 0.31 23.10 -9.16
CA ASP A 200 -0.53 22.42 -8.17
C ASP A 200 -1.35 23.41 -7.33
N PHE A 201 -2.18 22.90 -6.44
CA PHE A 201 -3.05 23.74 -5.63
C PHE A 201 -2.71 23.66 -4.15
N VAL A 202 -2.41 24.81 -3.55
CA VAL A 202 -2.24 24.91 -2.10
C VAL A 202 -3.30 25.80 -1.47
N VAL A 203 -3.60 25.53 -0.21
CA VAL A 203 -4.51 26.34 0.58
C VAL A 203 -3.77 26.68 1.87
N LEU A 204 -3.52 27.97 2.09
CA LEU A 204 -2.81 28.43 3.28
C LEU A 204 -3.78 28.95 4.34
N GLU A 205 -3.41 28.76 5.60
CA GLU A 205 -4.20 29.20 6.75
C GLU A 205 -3.41 30.22 7.57
N LYS A 206 -4.11 31.22 8.13
CA LYS A 206 -3.51 32.19 9.03
C LYS A 206 -3.55 31.65 10.47
N ARG A 207 -2.40 31.65 11.14
CA ARG A 207 -2.29 30.99 12.45
C ARG A 207 -1.90 31.90 13.61
N ARG A 208 -0.82 32.67 13.43
CA ARG A 208 -0.18 33.45 14.50
C ARG A 208 0.45 32.51 15.53
N SER A 241 -25.28 2.38 20.24
CA SER A 241 -24.45 1.22 19.95
C SER A 241 -24.56 0.76 18.49
N SER A 242 -24.83 1.72 17.60
CA SER A 242 -24.90 1.48 16.16
C SER A 242 -23.51 1.13 15.62
N ALA A 243 -22.54 1.94 15.99
CA ALA A 243 -21.12 1.67 15.73
C ALA A 243 -20.36 1.69 17.05
N ALA A 244 -21.08 2.03 18.13
CA ALA A 244 -20.50 2.10 19.46
C ALA A 244 -20.34 0.73 20.12
N ALA A 245 -21.09 -0.27 19.61
CA ALA A 245 -20.95 -1.66 20.07
C ALA A 245 -19.67 -2.30 19.50
N ILE A 246 -19.11 -1.67 18.47
CA ILE A 246 -17.90 -2.12 17.80
C ILE A 246 -16.64 -1.50 18.42
N ALA A 247 -16.80 -0.32 19.01
CA ALA A 247 -15.67 0.46 19.56
C ALA A 247 -14.93 -0.11 20.79
N PRO A 248 -15.61 -0.93 21.64
CA PRO A 248 -14.92 -1.53 22.81
C PRO A 248 -13.86 -2.58 22.47
N VAL A 249 -14.10 -3.38 21.43
CA VAL A 249 -13.15 -4.39 20.98
C VAL A 249 -11.99 -3.73 20.21
N LEU A 250 -12.24 -2.52 19.69
CA LEU A 250 -11.21 -1.70 19.06
C LEU A 250 -10.21 -1.13 20.06
N ALA A 251 -10.64 -0.91 21.29
CA ALA A 251 -9.85 -0.23 22.33
C ALA A 251 -8.52 -0.92 22.67
N TRP A 252 -8.56 -2.23 22.90
CA TRP A 252 -7.36 -3.00 23.24
C TRP A 252 -6.50 -3.34 22.01
N MET A 253 -7.04 -3.06 20.82
CA MET A 253 -6.31 -3.19 19.56
C MET A 253 -5.78 -1.82 19.09
N ASP A 254 -6.44 -0.75 19.52
CA ASP A 254 -6.09 0.63 19.16
C ASP A 254 -4.78 1.08 19.81
N GLU A 255 -3.90 1.68 18.99
CA GLU A 255 -2.59 2.15 19.44
C GLU A 255 -2.40 3.62 19.08
N LEU A 266 5.11 9.43 16.15
CA LEU A 266 5.93 10.32 16.97
C LEU A 266 6.67 11.38 16.14
N ILE A 267 7.07 11.01 14.93
CA ILE A 267 7.62 11.96 13.96
C ILE A 267 6.76 11.95 12.70
N ARG A 268 6.28 13.12 12.31
CA ARG A 268 5.43 13.26 11.14
C ARG A 268 5.95 14.32 10.20
N ALA A 269 5.55 14.23 8.95
CA ALA A 269 6.03 15.17 7.97
C ALA A 269 5.00 16.22 7.69
N VAL A 270 5.38 17.48 7.89
CA VAL A 270 4.54 18.62 7.57
C VAL A 270 3.18 18.38 8.15
N PRO A 271 3.21 18.12 9.52
CA PRO A 271 1.94 17.61 10.05
C PRO A 271 0.76 18.54 9.92
N HIS A 272 0.96 19.84 9.96
CA HIS A 272 -0.18 20.73 9.94
C HIS A 272 -0.93 20.46 8.66
N VAL A 273 -0.22 20.11 7.61
CA VAL A 273 -0.88 19.81 6.34
C VAL A 273 -1.72 18.54 6.48
N HIS A 274 -3.04 18.70 6.33
CA HIS A 274 -3.98 17.60 6.54
C HIS A 274 -4.40 16.87 5.25
N PHE A 275 -4.54 17.59 4.14
CA PHE A 275 -4.71 16.92 2.84
C PHE A 275 -3.38 16.74 2.13
N ARG A 276 -3.05 15.48 1.84
CA ARG A 276 -1.73 15.11 1.35
C ARG A 276 -1.77 14.48 -0.04
N GLY A 277 -2.37 15.21 -0.99
CA GLY A 277 -2.50 14.79 -2.37
C GLY A 277 -1.16 14.68 -3.05
N HIS A 278 -0.29 15.65 -2.80
CA HIS A 278 1.03 15.65 -3.43
C HIS A 278 1.67 14.28 -3.29
N GLU A 279 2.16 13.74 -4.39
CA GLU A 279 2.67 12.37 -4.41
C GLU A 279 4.00 12.17 -3.69
N GLU A 280 4.70 13.26 -3.41
CA GLU A 280 5.95 13.24 -2.65
C GLU A 280 5.73 12.90 -1.18
N PHE A 281 4.51 13.12 -0.70
CA PHE A 281 4.13 12.71 0.64
C PHE A 281 4.42 11.23 0.88
N GLN A 282 4.30 10.41 -0.17
CA GLN A 282 4.74 9.02 -0.13
C GLN A 282 6.15 8.90 0.43
N TYR A 283 7.09 9.61 -0.18
CA TYR A 283 8.49 9.54 0.22
C TYR A 283 8.66 10.08 1.63
N LEU A 284 8.09 11.24 1.90
CA LEU A 284 8.18 11.87 3.22
C LEU A 284 7.63 10.97 4.33
N ASP A 285 6.46 10.36 4.10
CA ASP A 285 5.86 9.47 5.09
C ASP A 285 6.60 8.15 5.20
N LEU A 286 7.36 7.80 4.16
CA LEU A 286 8.18 6.61 4.18
C LEU A 286 9.45 6.84 5.01
N ILE A 287 9.96 8.06 4.98
CA ILE A 287 11.06 8.45 5.89
C ILE A 287 10.60 8.40 7.35
N ALA A 288 9.44 9.00 7.63
CA ALA A 288 8.87 9.08 8.97
C ALA A 288 8.48 7.73 9.55
N ASP A 289 8.05 6.81 8.69
CA ASP A 289 7.66 5.47 9.12
C ASP A 289 8.86 4.67 9.58
N ILE A 290 9.92 4.66 8.76
CA ILE A 290 11.14 3.91 9.09
C ILE A 290 11.72 4.40 10.41
N ILE A 291 11.82 5.72 10.57
CA ILE A 291 12.41 6.31 11.76
C ILE A 291 11.63 5.93 13.02
N ASN A 292 10.31 6.01 12.96
CA ASN A 292 9.46 5.71 14.11
C ASN A 292 9.33 4.21 14.40
N ASN A 293 9.20 3.41 13.36
CA ASN A 293 8.85 2.01 13.51
C ASN A 293 9.91 1.04 12.98
N GLY A 294 11.10 1.57 12.71
CA GLY A 294 12.17 0.76 12.14
C GLY A 294 12.95 0.01 13.19
N ARG A 295 13.72 -0.98 12.73
CA ARG A 295 14.56 -1.79 13.61
C ARG A 295 16.02 -1.52 13.34
N THR A 296 16.79 -1.37 14.40
CA THR A 296 18.20 -1.01 14.26
C THR A 296 19.07 -2.21 13.96
N MET A 297 19.75 -2.18 12.81
CA MET A 297 20.63 -3.27 12.41
C MET A 297 22.07 -2.79 12.28
N ASP A 298 23.01 -3.71 12.46
CA ASP A 298 24.39 -3.49 12.05
C ASP A 298 24.45 -3.62 10.52
N ASP A 299 25.55 -3.19 9.92
CA ASP A 299 25.61 -3.05 8.46
C ASP A 299 26.86 -3.70 7.86
N ARG A 300 26.80 -3.97 6.56
CA ARG A 300 27.99 -4.33 5.77
C ARG A 300 29.03 -3.19 5.82
N THR A 301 28.57 -1.95 5.64
CA THR A 301 29.46 -0.79 5.61
C THR A 301 30.00 -0.41 6.99
N GLY A 302 29.34 -0.89 8.04
CA GLY A 302 29.78 -0.63 9.41
C GLY A 302 29.00 0.45 10.13
N VAL A 303 28.27 1.26 9.37
CA VAL A 303 27.42 2.32 9.92
C VAL A 303 26.09 1.74 10.42
N GLY A 304 25.56 2.32 11.48
CA GLY A 304 24.24 1.93 12.00
C GLY A 304 23.14 2.27 11.01
N VAL A 305 22.03 1.53 11.09
CA VAL A 305 20.93 1.63 10.15
C VAL A 305 19.58 1.44 10.85
N ILE A 306 18.56 2.13 10.37
CA ILE A 306 17.16 1.83 10.73
C ILE A 306 16.39 1.37 9.52
N SER A 307 15.62 0.31 9.63
CA SER A 307 15.11 -0.37 8.44
C SER A 307 13.70 -0.92 8.49
N LYS A 308 13.16 -1.19 7.31
CA LYS A 308 11.88 -1.82 7.16
C LYS A 308 11.94 -2.73 5.98
N PHE A 309 10.96 -3.60 5.83
CA PHE A 309 10.91 -4.54 4.73
C PHE A 309 9.55 -4.47 4.13
N GLY A 310 9.42 -4.78 2.87
CA GLY A 310 9.35 -3.95 1.70
C GLY A 310 8.16 -3.03 1.64
N CYS A 311 8.37 -1.91 0.99
CA CYS A 311 7.43 -0.83 0.97
C CYS A 311 7.27 -0.44 -0.45
N THR A 312 6.20 0.28 -0.74
CA THR A 312 5.85 0.59 -2.08
C THR A 312 5.63 2.05 -2.22
N MET A 313 5.82 2.55 -3.41
CA MET A 313 5.43 3.88 -3.74
C MET A 313 4.99 3.86 -5.15
N ARG A 314 4.17 4.80 -5.56
CA ARG A 314 3.85 4.90 -6.97
C ARG A 314 3.67 6.36 -7.40
N TYR A 315 4.13 6.66 -8.61
CA TYR A 315 4.16 8.02 -9.11
C TYR A 315 3.58 8.10 -10.51
N SER A 316 2.71 9.09 -10.72
CA SER A 316 2.10 9.32 -12.03
C SER A 316 3.12 9.94 -12.96
N LEU A 317 3.03 9.63 -14.24
CA LEU A 317 3.92 10.23 -15.22
C LEU A 317 3.16 10.96 -16.33
N ASP A 318 1.84 11.05 -16.19
CA ASP A 318 0.98 11.66 -17.21
C ASP A 318 0.95 13.19 -17.16
N GLN A 319 0.96 13.75 -15.95
CA GLN A 319 0.87 15.20 -15.76
C GLN A 319 2.25 15.84 -15.59
N ALA A 320 3.02 15.34 -14.63
CA ALA A 320 4.35 15.87 -14.35
C ALA A 320 5.38 14.76 -14.10
N PHE A 321 6.56 15.13 -13.60
CA PHE A 321 7.65 14.19 -13.43
C PHE A 321 8.05 14.14 -11.95
N PRO A 322 8.16 12.93 -11.39
CA PRO A 322 8.53 12.79 -9.97
C PRO A 322 10.01 13.07 -9.72
N LEU A 323 10.42 14.32 -9.94
CA LEU A 323 11.75 14.75 -9.53
C LEU A 323 11.56 15.48 -8.21
N LEU A 324 11.85 14.77 -7.12
CA LEU A 324 11.54 15.25 -5.75
C LEU A 324 12.03 16.67 -5.47
N THR A 325 11.18 17.44 -4.79
CA THR A 325 11.40 18.87 -4.59
C THR A 325 11.96 19.22 -3.21
N THR A 326 11.65 18.40 -2.21
CA THR A 326 11.98 18.73 -0.82
C THR A 326 13.49 18.75 -0.55
N LYS A 327 14.26 18.19 -1.48
CA LYS A 327 15.71 18.41 -1.56
C LYS A 327 16.12 18.27 -3.02
N ARG A 328 17.11 19.06 -3.45
CA ARG A 328 17.49 19.05 -4.87
C ARG A 328 18.15 17.74 -5.27
N VAL A 329 17.60 17.13 -6.33
CA VAL A 329 18.11 15.87 -6.86
C VAL A 329 19.11 16.15 -7.98
N PHE A 330 20.19 15.40 -8.01
CA PHE A 330 21.26 15.65 -8.94
C PHE A 330 20.90 15.10 -10.28
N TRP A 331 20.10 15.83 -11.01
CA TRP A 331 19.52 15.35 -12.23
C TRP A 331 20.53 15.00 -13.27
N LYS A 332 21.59 15.76 -13.36
CA LYS A 332 22.60 15.51 -14.37
C LYS A 332 23.10 14.13 -14.13
N GLY A 333 23.20 13.76 -12.88
CA GLY A 333 23.61 12.41 -12.51
C GLY A 333 22.68 11.33 -13.06
N VAL A 334 21.39 11.44 -12.77
CA VAL A 334 20.43 10.40 -13.16
C VAL A 334 20.45 10.22 -14.67
N LEU A 335 20.46 11.34 -15.39
CA LEU A 335 20.40 11.35 -16.83
C LEU A 335 21.62 10.68 -17.45
N GLU A 336 22.80 11.03 -16.94
CA GLU A 336 24.04 10.55 -17.52
C GLU A 336 24.30 9.09 -17.13
N GLU A 337 23.85 8.71 -15.94
CA GLU A 337 23.93 7.32 -15.47
C GLU A 337 23.00 6.40 -16.28
N LEU A 338 21.75 6.83 -16.46
CA LEU A 338 20.77 6.06 -17.22
C LEU A 338 21.26 5.77 -18.63
N LEU A 339 21.81 6.78 -19.29
CA LEU A 339 22.40 6.63 -20.61
C LEU A 339 23.58 5.67 -20.58
N TRP A 340 24.37 5.79 -19.51
CA TRP A 340 25.49 4.89 -19.27
C TRP A 340 24.98 3.45 -19.25
N PHE A 341 23.91 3.21 -18.50
CA PHE A 341 23.28 1.90 -18.44
C PHE A 341 22.87 1.42 -19.82
N ILE A 342 22.10 2.24 -20.52
CA ILE A 342 21.60 1.90 -21.84
C ILE A 342 22.73 1.43 -22.77
N ARG A 343 23.85 2.15 -22.79
CA ARG A 343 25.00 1.75 -23.58
C ARG A 343 25.57 0.38 -23.18
N GLY A 344 25.24 -0.09 -21.99
CA GLY A 344 25.83 -1.31 -21.45
C GLY A 344 27.27 -1.07 -21.03
N ASP A 345 27.56 0.17 -20.67
CA ASP A 345 28.89 0.61 -20.33
C ASP A 345 29.20 0.22 -18.91
N THR A 346 30.39 -0.35 -18.71
CA THR A 346 30.84 -0.80 -17.40
C THR A 346 32.06 -0.01 -16.92
N ASN A 347 32.37 1.06 -17.65
CA ASN A 347 33.50 1.92 -17.33
C ASN A 347 33.02 3.17 -16.59
N ALA A 348 33.21 3.19 -15.28
CA ALA A 348 32.73 4.28 -14.44
C ALA A 348 33.48 5.59 -14.66
N ASN A 349 34.65 5.49 -15.29
CA ASN A 349 35.44 6.68 -15.64
C ASN A 349 34.68 7.60 -16.58
N HIS A 350 33.88 7.01 -17.47
CA HIS A 350 33.06 7.78 -18.41
C HIS A 350 32.03 8.64 -17.67
N LEU A 351 31.61 8.19 -16.50
CA LEU A 351 30.76 8.99 -15.65
C LEU A 351 31.58 10.06 -14.95
N SER A 352 32.78 9.67 -14.51
CA SER A 352 33.64 10.53 -13.71
C SER A 352 34.16 11.74 -14.50
N GLU A 353 34.49 11.51 -15.77
CA GLU A 353 34.99 12.58 -16.66
C GLU A 353 33.92 13.61 -17.02
N LYS A 354 32.66 13.30 -16.72
CA LYS A 354 31.54 14.17 -17.05
C LYS A 354 31.05 14.95 -15.84
N GLY A 355 31.64 14.69 -14.68
CA GLY A 355 31.27 15.37 -13.45
C GLY A 355 30.26 14.58 -12.63
N VAL A 356 30.18 13.28 -12.91
CA VAL A 356 29.26 12.39 -12.21
C VAL A 356 30.09 11.36 -11.45
N LYS A 357 30.31 11.60 -10.16
CA LYS A 357 31.25 10.82 -9.36
C LYS A 357 30.56 9.79 -8.46
N ILE A 358 29.29 9.52 -8.74
CA ILE A 358 28.45 8.64 -7.92
C ILE A 358 28.94 7.19 -7.80
N TRP A 359 29.83 6.80 -8.70
CA TRP A 359 30.34 5.43 -8.75
C TRP A 359 31.80 5.30 -8.37
N ASP A 360 32.41 6.43 -8.02
CA ASP A 360 33.85 6.50 -7.78
C ASP A 360 34.32 5.79 -6.52
N LYS A 361 33.55 5.91 -5.44
CA LYS A 361 33.89 5.32 -4.15
C LYS A 361 33.77 3.80 -4.10
N ASN A 362 33.28 3.21 -5.20
CA ASN A 362 33.09 1.77 -5.29
C ASN A 362 33.94 1.12 -6.39
N VAL A 363 34.81 1.91 -7.01
CA VAL A 363 35.73 1.39 -8.03
C VAL A 363 37.20 1.77 -7.77
N THR A 364 37.47 2.18 -6.54
CA THR A 364 38.85 2.41 -6.09
C THR A 364 39.58 1.08 -5.98
N ARG A 365 40.90 1.13 -6.15
CA ARG A 365 41.76 -0.04 -5.94
C ARG A 365 41.43 -0.73 -4.61
N GLU A 366 41.16 0.06 -3.58
CA GLU A 366 40.84 -0.42 -2.24
C GLU A 366 39.57 -1.28 -2.21
N PHE A 367 38.45 -0.72 -2.68
CA PHE A 367 37.17 -1.43 -2.66
C PHE A 367 37.19 -2.64 -3.59
N LEU A 368 37.83 -2.50 -4.74
CA LEU A 368 37.98 -3.59 -5.71
C LEU A 368 38.76 -4.76 -5.11
N ASP A 369 39.75 -4.45 -4.29
CA ASP A 369 40.54 -5.49 -3.63
C ASP A 369 39.82 -6.07 -2.43
N SER A 370 39.07 -5.24 -1.70
CA SER A 370 38.25 -5.71 -0.59
C SER A 370 37.13 -6.63 -1.10
N ARG A 371 36.71 -6.39 -2.33
CA ARG A 371 35.69 -7.20 -3.01
C ARG A 371 36.35 -8.43 -3.67
N ASN A 372 37.64 -8.62 -3.38
CA ASN A 372 38.42 -9.77 -3.86
C ASN A 372 38.58 -9.83 -5.39
N LEU A 373 38.70 -8.65 -6.01
CA LEU A 373 38.89 -8.53 -7.46
C LEU A 373 40.17 -7.75 -7.78
N PRO A 374 41.33 -8.43 -7.73
CA PRO A 374 42.62 -7.76 -7.89
C PRO A 374 42.92 -7.33 -9.32
N HIS A 375 42.47 -8.12 -10.30
CA HIS A 375 42.82 -7.88 -11.70
C HIS A 375 41.95 -6.87 -12.45
N ARG A 376 41.00 -6.26 -11.76
CA ARG A 376 40.17 -5.22 -12.37
C ARG A 376 40.91 -3.87 -12.43
N GLU A 377 40.81 -3.21 -13.58
CA GLU A 377 41.33 -1.85 -13.74
C GLU A 377 40.46 -0.91 -12.92
N VAL A 378 41.02 0.19 -12.43
CA VAL A 378 40.26 1.17 -11.66
C VAL A 378 39.13 1.74 -12.53
N GLY A 379 37.91 1.73 -11.98
CA GLY A 379 36.74 2.21 -12.71
C GLY A 379 35.83 1.11 -13.25
N ASP A 380 36.37 -0.10 -13.41
CA ASP A 380 35.61 -1.21 -13.96
C ASP A 380 34.64 -1.78 -12.93
N ILE A 381 33.35 -1.50 -13.11
CA ILE A 381 32.33 -1.96 -12.16
C ILE A 381 32.05 -3.45 -12.31
N GLY A 382 32.74 -4.10 -13.24
CA GLY A 382 32.46 -5.50 -13.57
C GLY A 382 31.22 -5.58 -14.43
N PRO A 383 30.65 -6.79 -14.57
CA PRO A 383 29.40 -6.95 -15.31
C PRO A 383 28.17 -6.40 -14.56
N GLY A 384 28.09 -5.08 -14.41
CA GLY A 384 27.00 -4.43 -13.69
C GLY A 384 25.74 -4.20 -14.50
N TYR A 385 24.91 -3.28 -14.02
CA TYR A 385 23.54 -3.07 -14.54
C TYR A 385 23.44 -3.00 -16.05
N GLY A 386 24.08 -1.99 -16.63
CA GLY A 386 24.04 -1.80 -18.07
C GLY A 386 24.36 -3.08 -18.81
N PHE A 387 25.36 -3.80 -18.31
CA PHE A 387 25.89 -4.98 -18.99
C PHE A 387 24.91 -6.14 -19.02
N GLN A 388 24.20 -6.36 -17.92
CA GLN A 388 23.20 -7.43 -17.87
C GLN A 388 21.96 -7.09 -18.71
N TRP A 389 21.58 -5.81 -18.71
CA TRP A 389 20.52 -5.30 -19.58
C TRP A 389 20.75 -5.65 -21.05
N ARG A 390 21.95 -5.37 -21.54
CA ARG A 390 22.24 -5.47 -22.96
C ARG A 390 22.94 -6.77 -23.37
N HIS A 391 23.63 -7.40 -22.43
CA HIS A 391 24.39 -8.61 -22.74
C HIS A 391 24.25 -9.67 -21.65
N PHE A 392 23.04 -9.86 -21.13
CA PHE A 392 22.82 -10.81 -20.03
C PHE A 392 23.49 -12.17 -20.26
N GLY A 393 24.36 -12.54 -19.33
CA GLY A 393 24.97 -13.86 -19.33
C GLY A 393 26.25 -13.97 -20.15
N ALA A 394 26.65 -12.87 -20.78
CA ALA A 394 27.88 -12.87 -21.56
C ALA A 394 29.10 -12.99 -20.66
N ALA A 395 30.13 -13.67 -21.18
CA ALA A 395 31.38 -13.88 -20.44
C ALA A 395 32.21 -12.59 -20.41
N TYR A 396 32.33 -12.00 -19.22
CA TYR A 396 33.01 -10.71 -19.08
C TYR A 396 34.52 -10.84 -19.09
N LYS A 397 35.17 -9.88 -19.72
CA LYS A 397 36.62 -9.75 -19.68
C LYS A 397 36.96 -8.47 -18.93
N ASP A 398 36.86 -7.34 -19.62
CA ASP A 398 37.05 -6.01 -19.02
C ASP A 398 36.12 -4.97 -19.64
N MET A 399 36.19 -3.75 -19.12
CA MET A 399 35.31 -2.67 -19.57
C MET A 399 35.57 -2.18 -20.98
N HIS A 400 36.73 -2.56 -21.55
CA HIS A 400 37.13 -2.08 -22.87
C HIS A 400 36.70 -2.99 -24.03
N THR A 401 36.29 -4.20 -23.72
CA THR A 401 35.89 -5.19 -24.73
C THR A 401 34.57 -4.82 -25.38
N ASP A 402 34.47 -5.09 -26.68
CA ASP A 402 33.22 -4.94 -27.42
C ASP A 402 32.42 -6.22 -27.27
N TYR A 403 31.22 -6.09 -26.69
CA TYR A 403 30.34 -7.25 -26.44
C TYR A 403 29.14 -7.33 -27.39
N THR A 404 29.21 -6.55 -28.46
CA THR A 404 28.13 -6.48 -29.44
C THR A 404 27.74 -7.88 -29.93
N GLY A 405 26.48 -8.25 -29.70
CA GLY A 405 25.96 -9.54 -30.14
C GLY A 405 26.03 -10.67 -29.11
N GLN A 406 26.65 -10.40 -27.96
CA GLN A 406 26.78 -11.42 -26.93
C GLN A 406 25.72 -11.27 -25.84
N GLY A 407 25.26 -12.40 -25.32
CA GLY A 407 24.27 -12.42 -24.25
C GLY A 407 22.91 -11.91 -24.67
N VAL A 408 21.92 -11.99 -23.78
CA VAL A 408 20.58 -11.50 -24.09
C VAL A 408 20.52 -9.98 -24.01
N ASP A 409 20.07 -9.36 -25.09
CA ASP A 409 19.80 -7.93 -25.10
C ASP A 409 18.37 -7.74 -24.63
N GLN A 410 18.18 -7.81 -23.31
CA GLN A 410 16.87 -7.76 -22.70
C GLN A 410 16.08 -6.51 -23.06
N LEU A 411 16.78 -5.39 -23.20
CA LEU A 411 16.15 -4.11 -23.47
C LEU A 411 15.58 -4.06 -24.88
N LYS A 412 16.27 -4.69 -25.83
CA LYS A 412 15.77 -4.78 -27.18
C LYS A 412 14.49 -5.60 -27.20
N ASN A 413 14.52 -6.75 -26.54
CA ASN A 413 13.39 -7.70 -26.49
C ASN A 413 12.14 -7.11 -25.84
N VAL A 414 12.36 -6.23 -24.88
CA VAL A 414 11.27 -5.56 -24.18
C VAL A 414 10.61 -4.49 -25.06
N ILE A 415 11.43 -3.67 -25.71
CA ILE A 415 10.91 -2.66 -26.62
C ILE A 415 10.10 -3.32 -27.74
N GLN A 416 10.66 -4.39 -28.30
CA GLN A 416 10.05 -5.10 -29.42
C GLN A 416 8.72 -5.71 -29.02
N MET A 417 8.65 -6.31 -27.87
CA MET A 417 7.40 -6.87 -27.45
C MET A 417 6.41 -5.77 -27.26
N LEU A 418 6.85 -4.68 -26.68
CA LEU A 418 5.95 -3.54 -26.47
C LEU A 418 5.38 -3.02 -27.78
N ARG A 419 6.24 -2.90 -28.79
CA ARG A 419 5.85 -2.37 -30.09
C ARG A 419 5.00 -3.32 -30.93
N THR A 420 5.00 -4.61 -30.57
CA THR A 420 4.32 -5.62 -31.37
C THR A 420 3.22 -6.37 -30.62
N ASN A 421 3.53 -6.83 -29.40
CA ASN A 421 2.59 -7.62 -28.61
C ASN A 421 2.45 -7.08 -27.18
N PRO A 422 1.76 -5.94 -27.01
CA PRO A 422 1.73 -5.25 -25.72
C PRO A 422 0.96 -5.97 -24.60
N THR A 423 0.14 -6.94 -24.95
CA THR A 423 -0.64 -7.67 -23.94
C THR A 423 0.16 -8.83 -23.34
N ASP A 424 1.35 -9.06 -23.89
CA ASP A 424 2.32 -10.02 -23.36
C ASP A 424 2.66 -9.68 -21.90
N ARG A 425 2.86 -10.72 -21.08
CA ARG A 425 3.12 -10.53 -19.65
C ARG A 425 4.57 -10.88 -19.26
N ARG A 426 5.41 -11.13 -20.26
CA ARG A 426 6.82 -11.49 -20.03
C ARG A 426 7.77 -10.35 -20.41
N MET A 427 7.27 -9.11 -20.28
CA MET A 427 8.02 -7.92 -20.63
C MET A 427 8.83 -7.43 -19.44
N LEU A 428 9.82 -8.25 -19.07
CA LEU A 428 10.68 -7.98 -17.93
C LEU A 428 12.14 -7.86 -18.34
N MET A 429 12.91 -7.20 -17.49
CA MET A 429 14.32 -7.00 -17.69
C MET A 429 14.96 -7.10 -16.31
N THR A 430 15.99 -7.93 -16.20
CA THR A 430 16.65 -8.15 -14.92
C THR A 430 18.15 -7.90 -14.97
N ALA A 431 18.66 -7.32 -13.88
CA ALA A 431 20.09 -7.07 -13.72
C ALA A 431 20.75 -8.10 -12.79
N TRP A 432 19.92 -8.90 -12.13
CA TRP A 432 20.40 -9.85 -11.15
C TRP A 432 20.81 -11.16 -11.81
N ASN A 433 22.09 -11.49 -11.71
CA ASN A 433 22.63 -12.69 -12.34
C ASN A 433 23.56 -13.42 -11.37
N PRO A 434 23.02 -14.38 -10.60
CA PRO A 434 23.76 -15.04 -9.53
C PRO A 434 25.11 -15.63 -9.95
N ALA A 435 25.22 -16.11 -11.18
CA ALA A 435 26.46 -16.68 -11.68
C ALA A 435 27.57 -15.64 -11.82
N ALA A 436 27.18 -14.37 -11.96
CA ALA A 436 28.12 -13.28 -12.20
C ALA A 436 28.35 -12.34 -10.99
N LEU A 437 27.64 -12.59 -9.89
CA LEU A 437 27.66 -11.71 -8.72
C LEU A 437 29.02 -11.47 -8.11
N ASP A 438 29.83 -12.53 -8.05
CA ASP A 438 31.16 -12.47 -7.44
C ASP A 438 32.14 -11.60 -8.24
N GLU A 439 31.88 -11.42 -9.53
CA GLU A 439 32.71 -10.60 -10.41
C GLU A 439 32.30 -9.13 -10.41
N MET A 440 31.17 -8.82 -9.79
CA MET A 440 30.69 -7.44 -9.74
C MET A 440 31.31 -6.67 -8.60
N ALA A 441 31.56 -5.38 -8.84
CA ALA A 441 32.06 -4.47 -7.82
C ALA A 441 30.99 -4.31 -6.73
N LEU A 442 29.74 -4.38 -7.16
CA LEU A 442 28.60 -4.25 -6.26
C LEU A 442 27.40 -4.92 -6.91
N PRO A 443 26.73 -5.83 -6.18
CA PRO A 443 25.51 -6.45 -6.68
C PRO A 443 24.42 -5.40 -6.87
N PRO A 444 23.66 -5.48 -7.99
CA PRO A 444 22.63 -4.49 -8.30
C PRO A 444 21.63 -4.28 -7.17
N CYS A 445 21.21 -3.03 -6.97
CA CYS A 445 20.21 -2.69 -5.96
C CYS A 445 18.83 -2.72 -6.57
N HIS A 446 18.64 -1.93 -7.61
CA HIS A 446 17.50 -2.05 -8.50
C HIS A 446 17.83 -3.16 -9.48
N LEU A 447 17.23 -4.32 -9.28
CA LEU A 447 17.65 -5.51 -10.01
C LEU A 447 16.64 -6.04 -11.04
N LEU A 448 15.45 -5.44 -11.07
CA LEU A 448 14.38 -5.92 -11.93
C LEU A 448 13.34 -4.84 -12.25
N CYS A 449 12.92 -4.78 -13.50
CA CYS A 449 11.82 -3.90 -13.89
C CYS A 449 10.88 -4.49 -14.95
N GLN A 450 9.58 -4.24 -14.77
CA GLN A 450 8.53 -4.83 -15.60
C GLN A 450 7.62 -3.77 -16.20
N PHE A 451 7.26 -3.95 -17.48
CA PHE A 451 6.40 -3.02 -18.20
C PHE A 451 4.98 -3.55 -18.44
N TYR A 452 4.06 -2.63 -18.67
CA TYR A 452 2.64 -2.92 -18.83
C TYR A 452 1.97 -1.84 -19.66
N VAL A 453 1.12 -2.26 -20.60
CA VAL A 453 0.32 -1.35 -21.42
C VAL A 453 -1.16 -1.67 -21.26
N ASN A 454 -2.02 -0.65 -21.24
CA ASN A 454 -3.45 -0.85 -21.04
C ASN A 454 -4.33 -0.47 -22.25
N ASP A 455 -5.59 -0.13 -21.97
CA ASP A 455 -6.58 0.26 -22.98
C ASP A 455 -6.11 1.37 -23.90
N GLN A 456 -5.74 2.49 -23.31
CA GLN A 456 -5.46 3.71 -24.06
C GLN A 456 -4.00 3.84 -24.48
N LYS A 457 -3.31 2.71 -24.64
CA LYS A 457 -1.90 2.69 -25.07
C LYS A 457 -1.00 3.47 -24.10
N GLU A 458 -1.20 3.22 -22.81
CA GLU A 458 -0.45 3.89 -21.75
C GLU A 458 0.54 2.91 -21.10
N LEU A 459 1.76 3.38 -20.88
CA LEU A 459 2.82 2.53 -20.35
C LEU A 459 3.11 2.75 -18.86
N SER A 460 3.01 1.68 -18.08
CA SER A 460 3.41 1.67 -16.68
C SER A 460 4.66 0.82 -16.49
N CYS A 461 5.37 1.07 -15.41
CA CYS A 461 6.60 0.35 -15.09
C CYS A 461 6.75 0.08 -13.61
N ILE A 462 7.19 -1.14 -13.30
CA ILE A 462 7.54 -1.50 -11.94
C ILE A 462 9.07 -1.65 -11.90
N MET A 463 9.67 -1.20 -10.80
CA MET A 463 11.07 -1.50 -10.51
C MET A 463 11.20 -2.04 -9.10
N TYR A 464 11.93 -3.15 -8.97
CA TYR A 464 12.14 -3.79 -7.67
C TYR A 464 13.57 -3.55 -7.20
N GLN A 465 13.68 -3.00 -6.01
CA GLN A 465 14.96 -2.61 -5.44
C GLN A 465 15.20 -3.35 -4.12
N ARG A 466 16.22 -4.23 -4.11
CA ARG A 466 16.50 -5.07 -2.96
C ARG A 466 16.99 -4.29 -1.75
N SER A 467 17.70 -3.20 -2.02
CA SER A 467 18.29 -2.37 -0.98
C SER A 467 18.15 -0.90 -1.33
N CYS A 468 17.49 -0.16 -0.44
CA CYS A 468 17.12 1.21 -0.71
C CYS A 468 17.67 2.16 0.33
N ASP A 469 18.70 2.92 -0.06
CA ASP A 469 19.20 4.01 0.74
C ASP A 469 18.21 5.19 0.66
N VAL A 470 17.27 5.25 1.59
CA VAL A 470 16.14 6.18 1.51
C VAL A 470 16.56 7.65 1.42
N GLY A 471 17.52 8.06 2.25
CA GLY A 471 18.01 9.42 2.24
C GLY A 471 18.63 9.83 0.90
N LEU A 472 19.57 9.02 0.42
CA LEU A 472 20.39 9.41 -0.71
C LEU A 472 19.93 8.84 -2.06
N GLY A 473 19.75 7.52 -2.11
CA GLY A 473 19.54 6.82 -3.37
C GLY A 473 18.13 6.74 -3.92
N VAL A 474 17.16 6.64 -3.02
CA VAL A 474 15.75 6.49 -3.42
C VAL A 474 15.23 7.60 -4.36
N PRO A 475 15.40 8.88 -3.97
CA PRO A 475 14.95 9.96 -4.86
C PRO A 475 15.57 9.87 -6.27
N PHE A 476 16.84 9.50 -6.30
CA PHE A 476 17.60 9.29 -7.53
C PHE A 476 17.02 8.14 -8.34
N ASN A 477 16.62 7.07 -7.66
CA ASN A 477 16.05 5.89 -8.29
C ASN A 477 14.63 6.10 -8.81
N ILE A 478 13.85 6.95 -8.13
CA ILE A 478 12.52 7.32 -8.60
C ILE A 478 12.65 8.09 -9.91
N ALA A 479 13.59 9.02 -9.96
CA ALA A 479 13.83 9.83 -11.14
C ALA A 479 14.35 9.01 -12.31
N SER A 480 15.22 8.04 -12.02
CA SER A 480 15.93 7.25 -13.04
C SER A 480 15.05 6.27 -13.83
N TYR A 481 14.13 5.60 -13.15
CA TYR A 481 13.23 4.67 -13.82
C TYR A 481 12.02 5.37 -14.42
N SER A 482 11.61 6.49 -13.82
CA SER A 482 10.58 7.34 -14.40
C SER A 482 11.06 7.95 -15.72
N LEU A 483 12.34 8.30 -15.76
CA LEU A 483 12.96 8.84 -16.96
C LEU A 483 13.01 7.76 -18.05
N LEU A 484 13.42 6.56 -17.65
CA LEU A 484 13.45 5.41 -18.55
C LEU A 484 12.07 5.10 -19.11
N THR A 485 11.04 5.23 -18.27
CA THR A 485 9.66 5.00 -18.68
C THR A 485 9.18 6.03 -19.70
N LEU A 486 9.61 7.29 -19.58
CA LEU A 486 9.33 8.28 -20.63
C LEU A 486 10.04 7.88 -21.92
N MET A 487 11.30 7.45 -21.78
CA MET A 487 12.14 7.11 -22.93
C MET A 487 11.60 5.93 -23.73
N VAL A 488 11.18 4.89 -23.02
CA VAL A 488 10.61 3.71 -23.64
C VAL A 488 9.24 3.99 -24.28
N ALA A 489 8.42 4.80 -23.60
CA ALA A 489 7.10 5.17 -24.12
C ALA A 489 7.21 5.90 -25.46
N HIS A 490 8.19 6.79 -25.57
CA HIS A 490 8.41 7.56 -26.79
C HIS A 490 8.82 6.67 -27.96
N VAL A 491 9.66 5.69 -27.67
CA VAL A 491 10.22 4.82 -28.69
C VAL A 491 9.20 3.76 -29.14
N CYS A 492 8.21 3.50 -28.30
CA CYS A 492 7.20 2.51 -28.60
C CYS A 492 5.91 3.16 -29.06
N ASN A 493 5.88 4.50 -29.03
CA ASN A 493 4.70 5.28 -29.37
C ASN A 493 3.59 5.10 -28.35
N LEU A 494 3.92 5.35 -27.09
CA LEU A 494 2.98 5.17 -25.98
C LEU A 494 2.98 6.38 -25.06
N LYS A 495 1.89 6.53 -24.32
CA LYS A 495 1.78 7.57 -23.33
C LYS A 495 2.29 7.05 -21.98
N PRO A 496 3.24 7.76 -21.34
CA PRO A 496 3.68 7.30 -20.02
C PRO A 496 2.57 7.54 -18.99
N LYS A 497 2.32 6.55 -18.15
CA LYS A 497 1.22 6.62 -17.19
C LYS A 497 1.69 6.62 -15.74
N GLU A 498 2.48 5.61 -15.36
CA GLU A 498 2.80 5.39 -13.95
C GLU A 498 4.11 4.66 -13.73
N PHE A 499 4.81 5.02 -12.64
CA PHE A 499 5.99 4.31 -12.17
C PHE A 499 5.76 3.78 -10.76
N ILE A 500 5.96 2.48 -10.59
CA ILE A 500 5.68 1.78 -9.34
C ILE A 500 6.99 1.31 -8.72
N HIS A 501 7.22 1.73 -7.49
CA HIS A 501 8.46 1.42 -6.81
C HIS A 501 8.28 0.37 -5.74
N PHE A 502 8.83 -0.81 -5.96
CA PHE A 502 8.82 -1.81 -4.94
C PHE A 502 10.21 -1.85 -4.42
N MET A 503 10.36 -1.65 -3.12
CA MET A 503 11.65 -1.66 -2.49
C MET A 503 11.60 -2.76 -1.51
N GLY A 504 12.58 -3.64 -1.50
CA GLY A 504 12.54 -4.73 -0.55
C GLY A 504 13.00 -4.32 0.81
N ASN A 505 14.24 -3.91 0.91
CA ASN A 505 14.78 -3.52 2.18
C ASN A 505 14.97 -2.06 2.21
N THR A 506 14.18 -1.38 2.99
CA THR A 506 14.20 0.05 2.98
C THR A 506 14.80 0.54 4.24
N HIS A 507 15.78 1.41 4.14
CA HIS A 507 16.51 1.88 5.32
C HIS A 507 17.00 3.31 5.24
N VAL A 508 17.12 3.93 6.41
CA VAL A 508 17.85 5.20 6.57
C VAL A 508 19.15 4.94 7.32
N TYR A 509 20.25 5.53 6.86
CA TYR A 509 21.52 5.46 7.59
C TYR A 509 21.48 6.41 8.79
N THR A 510 21.98 5.96 9.92
CA THR A 510 21.92 6.72 11.19
C THR A 510 22.65 8.07 11.15
N ASN A 511 23.62 8.20 10.25
CA ASN A 511 24.27 9.48 9.97
C ASN A 511 23.52 10.33 8.91
N HIS A 512 22.21 10.09 8.80
CA HIS A 512 21.33 10.97 8.04
C HIS A 512 20.10 11.41 8.86
N VAL A 513 19.88 10.77 10.01
CA VAL A 513 18.67 11.00 10.83
C VAL A 513 18.40 12.47 11.17
N GLU A 514 19.47 13.24 11.34
N GLU A 514 19.46 13.24 11.36
CA GLU A 514 19.38 14.68 11.61
CA GLU A 514 19.38 14.68 11.62
C GLU A 514 18.97 15.42 10.35
C GLU A 514 18.97 15.43 10.35
N ALA A 515 19.62 15.08 9.24
CA ALA A 515 19.35 15.68 7.94
C ALA A 515 17.94 15.39 7.43
N LEU A 516 17.40 14.24 7.83
CA LEU A 516 16.09 13.82 7.36
C LEU A 516 14.96 14.46 8.16
N LYS A 517 15.13 14.56 9.48
CA LYS A 517 14.15 15.23 10.31
C LYS A 517 13.99 16.69 9.90
N GLU A 518 15.11 17.29 9.49
CA GLU A 518 15.13 18.63 8.89
C GLU A 518 14.28 18.68 7.63
N GLN A 519 14.55 17.73 6.73
CA GLN A 519 13.88 17.63 5.43
C GLN A 519 12.37 17.52 5.58
N LEU A 520 11.93 16.84 6.64
CA LEU A 520 10.51 16.60 6.89
C LEU A 520 9.74 17.87 7.25
N ARG A 521 10.44 18.88 7.73
CA ARG A 521 9.82 20.17 8.03
C ARG A 521 9.43 20.89 6.72
N ARG A 522 10.15 20.57 5.64
CA ARG A 522 9.94 21.20 4.33
C ARG A 522 8.73 20.61 3.63
N GLU A 523 7.87 21.48 3.10
CA GLU A 523 6.74 21.02 2.29
C GLU A 523 7.07 21.04 0.81
N PRO A 524 6.65 20.00 0.07
CA PRO A 524 7.03 19.83 -1.34
C PRO A 524 6.50 20.92 -2.27
N ARG A 525 7.28 21.22 -3.31
CA ARG A 525 6.89 22.16 -4.35
C ARG A 525 6.33 21.35 -5.52
N PRO A 526 5.63 22.02 -6.47
CA PRO A 526 5.12 21.24 -7.61
C PRO A 526 6.22 20.47 -8.36
N PHE A 527 5.83 19.33 -8.89
CA PHE A 527 6.72 18.52 -9.71
C PHE A 527 7.00 19.24 -11.03
N PRO A 528 8.20 19.01 -11.61
CA PRO A 528 8.50 19.62 -12.89
C PRO A 528 8.04 18.73 -14.06
N ILE A 529 7.93 19.32 -15.24
CA ILE A 529 7.74 18.55 -16.47
C ILE A 529 9.10 18.28 -17.12
N VAL A 530 9.33 17.03 -17.48
CA VAL A 530 10.52 16.67 -18.23
C VAL A 530 10.10 16.46 -19.68
N ASN A 531 10.72 17.21 -20.59
CA ASN A 531 10.42 17.13 -22.01
C ASN A 531 11.52 16.45 -22.76
N ILE A 532 11.12 15.62 -23.72
CA ILE A 532 12.07 15.08 -24.68
C ILE A 532 12.12 16.04 -25.85
N LEU A 533 13.31 16.59 -26.09
CA LEU A 533 13.53 17.46 -27.24
C LEU A 533 13.92 16.58 -28.42
N ASN A 534 13.83 17.15 -29.63
CA ASN A 534 14.20 16.47 -30.86
C ASN A 534 13.51 15.11 -31.06
N LYS A 535 12.20 15.07 -30.79
CA LYS A 535 11.44 13.82 -30.85
C LYS A 535 11.63 13.06 -32.17
N GLU A 536 11.48 13.77 -33.29
CA GLU A 536 11.49 13.15 -34.63
C GLU A 536 12.78 12.38 -34.90
N ARG A 537 13.90 12.93 -34.44
CA ARG A 537 15.20 12.31 -34.61
C ARG A 537 15.30 10.99 -33.85
N ILE A 538 14.81 10.98 -32.62
CA ILE A 538 14.92 9.84 -31.73
C ILE A 538 13.87 8.77 -32.05
N LYS A 539 14.33 7.67 -32.59
CA LYS A 539 13.43 6.59 -33.02
C LYS A 539 13.73 5.30 -32.29
N GLU A 540 14.96 5.16 -31.81
CA GLU A 540 15.36 4.00 -31.01
C GLU A 540 15.92 4.43 -29.65
N ILE A 541 15.91 3.52 -28.69
CA ILE A 541 16.35 3.81 -27.32
C ILE A 541 17.77 4.39 -27.29
N ASP A 542 18.59 3.97 -28.25
CA ASP A 542 19.99 4.39 -28.32
C ASP A 542 20.17 5.78 -28.94
N ASP A 543 19.12 6.30 -29.58
CA ASP A 543 19.13 7.61 -30.21
C ASP A 543 19.19 8.76 -29.22
N PHE A 544 18.79 8.50 -27.98
CA PHE A 544 18.81 9.53 -26.95
C PHE A 544 20.23 9.95 -26.58
N THR A 545 20.42 11.26 -26.35
CA THR A 545 21.65 11.83 -25.81
C THR A 545 21.28 12.78 -24.67
N ALA A 546 22.29 13.22 -23.91
CA ALA A 546 22.09 14.12 -22.77
C ALA A 546 21.32 15.41 -23.10
N GLU A 547 21.56 15.92 -24.31
CA GLU A 547 20.97 17.17 -24.76
C GLU A 547 19.48 17.06 -25.07
N ASP A 548 19.00 15.84 -25.20
CA ASP A 548 17.63 15.59 -25.65
C ASP A 548 16.58 15.69 -24.56
N PHE A 549 16.94 16.28 -23.43
CA PHE A 549 16.02 16.40 -22.31
C PHE A 549 16.04 17.80 -21.73
N GLU A 550 14.85 18.27 -21.39
CA GLU A 550 14.66 19.60 -20.84
C GLU A 550 13.76 19.50 -19.60
N VAL A 551 14.25 20.02 -18.48
CA VAL A 551 13.50 19.99 -17.24
C VAL A 551 12.85 21.35 -17.00
N VAL A 552 11.53 21.36 -16.90
CA VAL A 552 10.76 22.60 -16.88
C VAL A 552 9.99 22.77 -15.58
N GLY A 553 10.16 23.91 -14.93
CA GLY A 553 9.45 24.24 -13.71
C GLY A 553 9.92 23.55 -12.43
N TYR A 554 11.22 23.29 -12.34
CA TYR A 554 11.80 22.65 -11.14
C TYR A 554 12.25 23.67 -10.12
N VAL A 555 11.64 23.63 -8.92
CA VAL A 555 11.91 24.60 -7.87
C VAL A 555 12.14 23.89 -6.52
N PRO A 556 13.28 23.18 -6.37
CA PRO A 556 13.51 22.40 -5.15
C PRO A 556 13.94 23.25 -3.95
N HIS A 557 13.92 22.65 -2.76
CA HIS A 557 14.44 23.26 -1.56
C HIS A 557 15.95 23.07 -1.54
N GLY A 558 16.64 23.84 -0.69
CA GLY A 558 18.10 23.81 -0.59
C GLY A 558 18.69 22.41 -0.48
N ARG A 559 19.87 22.23 -1.09
CA ARG A 559 20.62 20.96 -1.01
C ARG A 559 21.03 20.63 0.42
N ILE A 560 20.79 19.39 0.82
CA ILE A 560 21.19 18.89 2.15
C ILE A 560 22.34 17.90 1.99
N GLN A 561 23.45 18.19 2.65
CA GLN A 561 24.65 17.36 2.56
C GLN A 561 24.49 16.01 3.26
N MET A 562 24.60 14.94 2.48
CA MET A 562 24.50 13.58 2.97
C MET A 562 25.60 12.71 2.35
N GLU A 563 26.48 12.19 3.19
CA GLU A 563 27.62 11.39 2.74
C GLU A 563 27.21 9.97 2.34
N MET A 564 28.02 9.38 1.45
CA MET A 564 27.79 8.02 0.95
C MET A 564 28.62 7.01 1.76
N ALA A 565 27.98 5.96 2.24
CA ALA A 565 28.67 4.87 2.93
C ALA A 565 29.32 3.94 1.90
N VAL A 566 30.64 3.74 2.05
CA VAL A 566 31.40 2.91 1.11
C VAL A 566 31.06 1.42 1.23
N PRO B 4 -32.10 -5.28 25.83
CA PRO B 4 -30.91 -5.10 25.00
C PRO B 4 -29.64 -5.64 25.67
N VAL B 5 -29.37 -6.93 25.44
CA VAL B 5 -28.24 -7.63 26.05
C VAL B 5 -27.27 -8.17 24.99
N CYS B 6 -26.08 -8.56 25.44
CA CYS B 6 -25.08 -9.15 24.55
C CYS B 6 -24.63 -10.52 25.03
N LEU B 7 -24.32 -11.38 24.08
CA LEU B 7 -23.83 -12.71 24.35
C LEU B 7 -22.34 -12.77 24.04
N VAL B 8 -21.55 -13.10 25.06
CA VAL B 8 -20.12 -13.29 24.85
C VAL B 8 -19.76 -14.76 25.03
N VAL B 9 -19.00 -15.28 24.08
CA VAL B 9 -18.67 -16.71 24.01
C VAL B 9 -17.37 -17.01 23.29
N ALA B 10 -16.69 -18.06 23.74
CA ALA B 10 -15.69 -18.74 22.93
C ALA B 10 -16.32 -20.06 22.53
N MET B 11 -16.04 -20.51 21.30
CA MET B 11 -16.86 -21.55 20.66
C MET B 11 -16.16 -22.29 19.53
N THR B 12 -16.18 -23.61 19.59
CA THR B 12 -15.58 -24.46 18.55
C THR B 12 -16.46 -24.41 17.29
N PRO B 13 -15.95 -24.89 16.14
CA PRO B 13 -16.73 -24.82 14.91
C PRO B 13 -18.04 -25.59 14.97
N LYS B 14 -18.12 -26.58 15.84
CA LYS B 14 -19.34 -27.39 15.98
C LYS B 14 -20.20 -26.88 17.16
N ARG B 15 -19.94 -25.63 17.53
CA ARG B 15 -20.66 -24.90 18.59
C ARG B 15 -20.38 -25.38 20.03
N GLY B 16 -19.42 -26.27 20.19
CA GLY B 16 -19.04 -26.76 21.53
C GLY B 16 -18.48 -25.64 22.37
N ILE B 17 -18.78 -25.65 23.66
CA ILE B 17 -18.37 -24.56 24.57
C ILE B 17 -17.78 -25.05 25.89
N GLY B 18 -18.05 -26.29 26.26
CA GLY B 18 -17.55 -26.86 27.51
C GLY B 18 -17.46 -28.37 27.56
N ILE B 19 -16.74 -28.86 28.57
CA ILE B 19 -16.66 -30.29 28.87
C ILE B 19 -16.27 -30.51 30.35
N ASN B 20 -17.03 -31.35 31.04
CA ASN B 20 -16.86 -31.62 32.47
C ASN B 20 -16.93 -30.36 33.32
N ASN B 21 -17.94 -29.54 33.06
CA ASN B 21 -18.12 -28.25 33.71
C ASN B 21 -16.84 -27.38 33.68
N GLY B 22 -16.25 -27.26 32.49
CA GLY B 22 -15.01 -26.52 32.29
C GLY B 22 -14.73 -26.26 30.83
N LEU B 23 -13.66 -25.51 30.55
CA LEU B 23 -13.31 -25.16 29.20
C LEU B 23 -12.67 -26.35 28.48
N PRO B 24 -12.97 -26.50 27.18
CA PRO B 24 -12.51 -27.67 26.41
C PRO B 24 -11.08 -27.55 25.89
N TRP B 25 -10.57 -26.32 25.82
CA TRP B 25 -9.27 -26.01 25.22
C TRP B 25 -8.27 -25.55 26.26
N PRO B 26 -6.96 -25.69 25.96
CA PRO B 26 -5.94 -25.07 26.80
C PRO B 26 -6.16 -23.55 26.84
N HIS B 27 -5.53 -22.90 27.81
CA HIS B 27 -5.75 -21.48 28.06
C HIS B 27 -5.59 -20.63 26.80
N LEU B 28 -6.57 -19.78 26.55
CA LEU B 28 -6.50 -18.81 25.45
C LEU B 28 -6.34 -17.44 26.05
N THR B 29 -5.10 -17.08 26.29
CA THR B 29 -4.75 -15.86 27.02
C THR B 29 -5.33 -14.59 26.39
N THR B 30 -5.19 -14.46 25.08
CA THR B 30 -5.71 -13.28 24.37
C THR B 30 -7.23 -13.23 24.42
N ASP B 31 -7.88 -14.38 24.48
CA ASP B 31 -9.33 -14.44 24.64
C ASP B 31 -9.70 -13.88 26.00
N PHE B 32 -8.97 -14.31 27.02
CA PHE B 32 -9.21 -13.86 28.38
C PHE B 32 -9.06 -12.35 28.47
N LYS B 33 -8.00 -11.81 27.88
CA LYS B 33 -7.75 -10.38 27.84
C LYS B 33 -8.86 -9.62 27.10
N HIS B 34 -9.29 -10.18 25.96
CA HIS B 34 -10.39 -9.62 25.17
C HIS B 34 -11.69 -9.65 25.93
N PHE B 35 -12.03 -10.82 26.49
CA PHE B 35 -13.24 -10.93 27.30
C PHE B 35 -13.20 -9.89 28.40
N SER B 36 -12.04 -9.80 29.06
CA SER B 36 -11.83 -8.88 30.17
C SER B 36 -12.09 -7.44 29.78
N ARG B 37 -11.51 -7.01 28.66
CA ARG B 37 -11.66 -5.65 28.17
C ARG B 37 -13.12 -5.35 27.81
N VAL B 38 -13.72 -6.24 27.02
CA VAL B 38 -15.09 -6.05 26.53
C VAL B 38 -16.09 -5.90 27.68
N THR B 39 -15.98 -6.78 28.67
CA THR B 39 -16.91 -6.79 29.80
C THR B 39 -16.67 -5.68 30.82
N LYS B 40 -15.53 -5.00 30.72
CA LYS B 40 -15.19 -3.93 31.69
C LYS B 40 -15.31 -2.50 31.15
N THR B 41 -14.68 -2.25 30.00
CA THR B 41 -14.56 -0.87 29.48
C THR B 41 -15.90 -0.19 29.15
N THR B 42 -15.95 1.11 29.44
CA THR B 42 -17.18 1.92 29.33
C THR B 42 -16.79 3.36 28.99
N PRO B 43 -17.63 4.07 28.18
CA PRO B 43 -17.41 5.50 27.94
C PRO B 43 -17.50 6.36 29.21
N ALA B 46 -17.66 6.34 33.04
CA ALA B 46 -17.78 7.50 33.92
C ALA B 46 -18.28 7.11 35.31
N SER B 47 -19.60 7.14 35.49
CA SER B 47 -20.22 6.74 36.75
C SER B 47 -20.66 5.28 36.69
N ARG B 48 -20.79 4.77 35.46
CA ARG B 48 -21.43 3.48 35.20
C ARG B 48 -20.44 2.32 35.14
N PHE B 49 -20.93 1.13 35.52
CA PHE B 49 -20.19 -0.12 35.40
C PHE B 49 -21.06 -1.15 34.68
N ASN B 50 -20.49 -2.31 34.36
CA ASN B 50 -21.19 -3.33 33.58
C ASN B 50 -21.72 -4.53 34.38
N ALA B 51 -22.68 -5.23 33.79
CA ALA B 51 -23.34 -6.37 34.44
C ALA B 51 -23.10 -7.69 33.69
N VAL B 52 -22.54 -8.67 34.42
CA VAL B 52 -22.27 -10.00 33.88
C VAL B 52 -23.23 -11.03 34.47
N VAL B 53 -24.02 -11.67 33.62
CA VAL B 53 -24.99 -12.67 34.06
C VAL B 53 -24.52 -14.07 33.69
N MET B 54 -24.47 -14.96 34.67
CA MET B 54 -24.01 -16.34 34.47
C MET B 54 -24.94 -17.39 35.10
N GLY B 55 -24.69 -18.65 34.79
CA GLY B 55 -25.42 -19.77 35.39
C GLY B 55 -24.64 -20.34 36.56
N ARG B 56 -25.29 -21.18 37.38
CA ARG B 56 -24.63 -21.76 38.54
C ARG B 56 -23.36 -22.50 38.13
N LYS B 57 -23.54 -23.48 37.25
CA LYS B 57 -22.44 -24.31 36.76
C LYS B 57 -21.30 -23.44 36.24
N THR B 58 -21.67 -22.36 35.54
CA THR B 58 -20.71 -21.38 35.01
C THR B 58 -20.00 -20.63 36.14
N TRP B 59 -20.73 -20.22 37.16
CA TRP B 59 -20.13 -19.58 38.33
C TRP B 59 -19.18 -20.55 39.04
N GLU B 60 -19.65 -21.78 39.27
CA GLU B 60 -18.88 -22.80 39.97
C GLU B 60 -17.61 -23.24 39.25
N SER B 61 -17.65 -23.26 37.91
CA SER B 61 -16.52 -23.68 37.11
C SER B 61 -15.33 -22.72 37.24
N MET B 62 -15.64 -21.44 37.37
CA MET B 62 -14.64 -20.40 37.55
C MET B 62 -13.70 -20.75 38.70
N PRO B 63 -12.37 -20.59 38.48
CA PRO B 63 -11.43 -20.69 39.59
C PRO B 63 -11.74 -19.64 40.64
N ARG B 64 -11.72 -20.06 41.90
CA ARG B 64 -12.12 -19.21 43.03
C ARG B 64 -11.38 -17.87 43.09
N LYS B 65 -10.20 -17.82 42.47
CA LYS B 65 -9.35 -16.64 42.42
C LYS B 65 -10.00 -15.48 41.65
N PHE B 66 -10.79 -15.82 40.63
CA PHE B 66 -11.37 -14.81 39.73
C PHE B 66 -12.81 -14.44 40.03
N ARG B 67 -13.51 -15.29 40.77
CA ARG B 67 -14.86 -14.97 41.20
C ARG B 67 -14.82 -14.21 42.52
N PRO B 68 -15.62 -13.12 42.62
CA PRO B 68 -16.50 -12.63 41.57
C PRO B 68 -15.73 -11.78 40.56
N LEU B 69 -16.26 -11.69 39.34
CA LEU B 69 -15.65 -10.89 38.29
C LEU B 69 -15.62 -9.41 38.68
N VAL B 70 -14.42 -8.91 38.93
CA VAL B 70 -14.20 -7.58 39.52
C VAL B 70 -14.73 -6.44 38.65
N ASP B 71 -15.10 -5.34 39.31
CA ASP B 71 -15.61 -4.13 38.67
C ASP B 71 -16.92 -4.36 37.89
N ARG B 72 -17.54 -5.50 38.14
CA ARG B 72 -18.74 -5.89 37.39
C ARG B 72 -19.79 -6.47 38.31
N LEU B 73 -21.03 -6.02 38.11
CA LEU B 73 -22.15 -6.55 38.87
C LEU B 73 -22.40 -7.99 38.45
N ASN B 74 -21.89 -8.91 39.25
CA ASN B 74 -22.09 -10.32 38.99
C ASN B 74 -23.52 -10.74 39.32
N ILE B 75 -24.12 -11.53 38.43
CA ILE B 75 -25.43 -12.11 38.67
C ILE B 75 -25.42 -13.60 38.28
N VAL B 76 -25.95 -14.44 39.16
CA VAL B 76 -26.06 -15.87 38.93
C VAL B 76 -27.53 -16.29 38.83
N VAL B 77 -27.84 -17.12 37.84
CA VAL B 77 -29.16 -17.72 37.74
C VAL B 77 -29.09 -19.13 38.33
N SER B 78 -29.88 -19.36 39.37
CA SER B 78 -29.88 -20.64 40.10
C SER B 78 -31.13 -20.83 40.94
N SER B 79 -31.59 -22.07 41.01
CA SER B 79 -32.68 -22.44 41.92
C SER B 79 -32.14 -22.95 43.24
N SER B 80 -30.93 -23.52 43.21
CA SER B 80 -30.40 -24.28 44.36
C SER B 80 -29.41 -23.54 45.27
N LEU B 81 -28.78 -22.48 44.76
CA LEU B 81 -27.84 -21.69 45.58
C LEU B 81 -28.44 -20.36 46.02
N LYS B 82 -28.05 -19.89 47.19
CA LYS B 82 -28.60 -18.67 47.79
C LYS B 82 -27.54 -17.57 47.91
N GLU B 83 -28.01 -16.33 48.12
CA GLU B 83 -27.13 -15.15 48.22
C GLU B 83 -26.08 -15.27 49.32
N GLU B 84 -26.34 -16.13 50.30
CA GLU B 84 -25.43 -16.31 51.43
C GLU B 84 -24.29 -17.28 51.15
N ASP B 85 -24.58 -18.33 50.37
CA ASP B 85 -23.57 -19.28 49.94
C ASP B 85 -22.40 -18.57 49.26
N ILE B 86 -22.73 -17.60 48.41
CA ILE B 86 -21.75 -16.80 47.68
C ILE B 86 -21.09 -15.76 48.60
N ALA B 87 -21.87 -15.18 49.51
CA ALA B 87 -21.33 -14.25 50.51
C ALA B 87 -20.37 -14.95 51.46
N ALA B 88 -20.61 -16.25 51.70
CA ALA B 88 -19.80 -17.05 52.63
C ALA B 88 -18.75 -17.92 51.94
N GLU B 89 -18.83 -18.02 50.61
CA GLU B 89 -17.84 -18.76 49.81
C GLU B 89 -16.46 -18.14 49.96
N LYS B 90 -16.41 -16.80 49.93
CA LYS B 90 -15.21 -16.02 50.19
C LYS B 90 -15.63 -14.71 50.86
N PRO B 91 -14.74 -14.14 51.70
CA PRO B 91 -14.96 -12.78 52.20
C PRO B 91 -14.98 -11.75 51.07
N GLN B 92 -15.95 -10.84 51.12
CA GLN B 92 -16.12 -9.82 50.10
C GLN B 92 -15.05 -8.72 50.21
N ALA B 93 -14.76 -8.07 49.09
CA ALA B 93 -13.84 -6.95 49.04
C ALA B 93 -14.58 -5.63 48.77
N GLU B 94 -13.96 -4.52 49.18
CA GLU B 94 -14.56 -3.18 49.09
C GLU B 94 -14.51 -2.61 47.66
N GLY B 95 -15.62 -1.97 47.27
CA GLY B 95 -15.70 -1.26 45.98
C GLY B 95 -16.52 -1.97 44.92
N GLN B 96 -17.18 -3.06 45.32
CA GLN B 96 -17.94 -3.91 44.40
C GLN B 96 -19.37 -4.10 44.89
N GLN B 97 -20.25 -4.54 43.99
CA GLN B 97 -21.61 -4.90 44.36
C GLN B 97 -21.68 -6.37 44.74
N ARG B 98 -22.59 -6.71 45.65
CA ARG B 98 -22.77 -8.10 46.04
C ARG B 98 -23.48 -8.89 44.94
N VAL B 99 -22.95 -10.07 44.66
CA VAL B 99 -23.50 -10.96 43.64
C VAL B 99 -24.97 -11.22 43.95
N ARG B 100 -25.81 -11.16 42.93
CA ARG B 100 -27.25 -11.32 43.12
C ARG B 100 -27.75 -12.56 42.37
N VAL B 101 -28.65 -13.30 43.01
CA VAL B 101 -29.15 -14.57 42.45
C VAL B 101 -30.65 -14.51 42.19
N CYS B 102 -31.06 -14.91 40.99
CA CYS B 102 -32.47 -14.90 40.59
C CYS B 102 -32.90 -16.24 40.01
N ALA B 103 -34.21 -16.46 39.98
CA ALA B 103 -34.80 -17.73 39.51
C ALA B 103 -34.43 -18.06 38.07
N SER B 104 -34.75 -17.15 37.15
CA SER B 104 -34.47 -17.34 35.73
C SER B 104 -33.82 -16.08 35.14
N LEU B 105 -33.52 -16.14 33.84
CA LEU B 105 -33.01 -14.97 33.12
C LEU B 105 -34.05 -13.84 33.00
N PRO B 106 -35.30 -14.16 32.59
CA PRO B 106 -36.34 -13.12 32.56
C PRO B 106 -36.48 -12.41 33.91
N ALA B 107 -36.41 -13.19 34.99
CA ALA B 107 -36.38 -12.65 36.34
C ALA B 107 -35.12 -11.82 36.56
N ALA B 108 -33.96 -12.40 36.23
CA ALA B 108 -32.67 -11.73 36.41
C ALA B 108 -32.57 -10.39 35.68
N LEU B 109 -33.29 -10.27 34.57
CA LEU B 109 -33.34 -9.02 33.81
C LEU B 109 -34.18 -7.96 34.52
N SER B 110 -35.32 -8.39 35.08
CA SER B 110 -36.22 -7.51 35.83
C SER B 110 -35.51 -6.85 37.00
N LEU B 111 -34.64 -7.61 37.66
CA LEU B 111 -33.82 -7.12 38.76
C LEU B 111 -32.94 -5.93 38.35
N LEU B 112 -32.50 -5.94 37.10
CA LEU B 112 -31.69 -4.85 36.55
C LEU B 112 -32.55 -3.62 36.26
N GLU B 113 -33.76 -3.86 35.75
CA GLU B 113 -34.75 -2.81 35.54
C GLU B 113 -35.23 -2.19 36.85
N GLU B 114 -35.35 -3.02 37.88
CA GLU B 114 -35.80 -2.60 39.21
C GLU B 114 -34.78 -1.71 39.92
N GLU B 115 -33.65 -2.30 40.29
CA GLU B 115 -32.72 -1.70 41.25
C GLU B 115 -31.51 -0.98 40.64
N TYR B 116 -31.13 -1.38 39.43
CA TYR B 116 -29.88 -0.89 38.83
C TYR B 116 -30.09 0.00 37.59
N LYS B 117 -31.22 0.72 37.56
CA LYS B 117 -31.65 1.47 36.38
C LYS B 117 -30.71 2.63 35.97
N ASP B 118 -29.79 3.00 36.86
CA ASP B 118 -28.88 4.11 36.60
C ASP B 118 -27.41 3.73 36.74
N SER B 119 -27.15 2.65 37.48
CA SER B 119 -25.79 2.26 37.84
C SER B 119 -25.03 1.57 36.71
N VAL B 120 -25.73 0.72 35.95
CA VAL B 120 -25.09 -0.11 34.93
C VAL B 120 -25.26 0.41 33.51
N ASP B 121 -24.29 0.12 32.65
CA ASP B 121 -24.35 0.51 31.24
C ASP B 121 -24.79 -0.65 30.36
N GLN B 122 -23.84 -1.54 30.03
CA GLN B 122 -24.11 -2.67 29.14
C GLN B 122 -24.24 -3.97 29.92
N ILE B 123 -25.11 -4.85 29.42
CA ILE B 123 -25.35 -6.14 30.04
C ILE B 123 -24.73 -7.25 29.20
N PHE B 124 -24.19 -8.26 29.87
CA PHE B 124 -23.56 -9.39 29.19
C PHE B 124 -24.00 -10.73 29.77
N VAL B 125 -24.56 -11.57 28.92
CA VAL B 125 -24.81 -12.98 29.25
C VAL B 125 -23.53 -13.78 28.97
N VAL B 126 -22.99 -14.39 30.02
CA VAL B 126 -21.61 -14.86 30.02
C VAL B 126 -21.46 -16.39 30.09
N GLY B 127 -22.60 -17.09 30.17
CA GLY B 127 -22.63 -18.56 30.17
C GLY B 127 -23.65 -19.11 31.14
N GLY B 128 -24.04 -20.38 31.01
CA GLY B 128 -23.63 -21.26 29.92
C GLY B 128 -24.83 -21.59 29.04
N ALA B 129 -24.87 -22.83 28.52
CA ALA B 129 -25.88 -23.26 27.56
C ALA B 129 -27.31 -22.90 27.95
N GLY B 130 -27.61 -22.99 29.23
CA GLY B 130 -28.94 -22.64 29.75
C GLY B 130 -29.30 -21.19 29.46
N LEU B 131 -28.42 -20.28 29.85
CA LEU B 131 -28.66 -18.85 29.70
C LEU B 131 -28.59 -18.35 28.26
N TYR B 132 -27.59 -18.82 27.50
CA TYR B 132 -27.47 -18.45 26.10
C TYR B 132 -28.75 -18.82 25.35
N GLU B 133 -29.25 -20.03 25.62
CA GLU B 133 -30.48 -20.54 25.01
C GLU B 133 -31.69 -19.70 25.39
N ALA B 134 -31.78 -19.36 26.67
CA ALA B 134 -32.85 -18.50 27.18
C ALA B 134 -32.90 -17.18 26.42
N ALA B 135 -31.75 -16.50 26.37
CA ALA B 135 -31.63 -15.20 25.71
C ALA B 135 -31.98 -15.23 24.22
N LEU B 136 -31.64 -16.33 23.56
CA LEU B 136 -31.96 -16.50 22.14
C LEU B 136 -33.46 -16.66 21.93
N SER B 137 -34.09 -17.41 22.82
CA SER B 137 -35.54 -17.62 22.78
C SER B 137 -36.26 -16.29 22.93
N LEU B 138 -35.91 -15.55 23.98
CA LEU B 138 -36.56 -14.28 24.31
C LEU B 138 -36.17 -13.13 23.39
N GLY B 139 -35.16 -13.35 22.56
CA GLY B 139 -34.74 -12.39 21.54
C GLY B 139 -34.44 -10.98 22.03
N VAL B 140 -33.81 -10.89 23.20
CA VAL B 140 -33.37 -9.59 23.73
C VAL B 140 -31.89 -9.36 23.42
N ALA B 141 -31.23 -10.41 22.92
CA ALA B 141 -29.84 -10.35 22.49
C ALA B 141 -29.72 -9.63 21.16
N SER B 142 -29.10 -8.46 21.20
CA SER B 142 -28.92 -7.65 20.00
C SER B 142 -27.58 -7.95 19.31
N HIS B 143 -26.61 -8.43 20.08
CA HIS B 143 -25.27 -8.68 19.56
C HIS B 143 -24.63 -9.94 20.12
N LEU B 144 -23.83 -10.60 19.28
CA LEU B 144 -23.05 -11.75 19.71
C LEU B 144 -21.57 -11.45 19.58
N TYR B 145 -20.86 -11.48 20.71
CA TYR B 145 -19.42 -11.36 20.70
C TYR B 145 -18.85 -12.77 20.74
N ILE B 146 -18.52 -13.30 19.57
CA ILE B 146 -18.07 -14.68 19.47
C ILE B 146 -16.58 -14.81 19.20
N THR B 147 -15.93 -15.64 20.02
CA THR B 147 -14.58 -16.09 19.75
C THR B 147 -14.67 -17.45 19.02
N ARG B 148 -14.31 -17.47 17.75
CA ARG B 148 -14.29 -18.70 16.98
C ARG B 148 -12.97 -19.44 17.25
N VAL B 149 -13.05 -20.52 18.02
CA VAL B 149 -11.92 -21.42 18.16
C VAL B 149 -11.92 -22.29 16.91
N ALA B 150 -10.81 -22.27 16.16
CA ALA B 150 -10.76 -22.94 14.85
C ALA B 150 -10.59 -24.45 14.95
N ARG B 151 -10.05 -24.92 16.07
CA ARG B 151 -9.86 -26.35 16.28
C ARG B 151 -11.06 -27.02 16.91
N GLU B 152 -11.26 -28.27 16.55
CA GLU B 152 -12.32 -29.07 17.12
C GLU B 152 -11.91 -29.69 18.44
N PHE B 153 -12.80 -29.62 19.43
CA PHE B 153 -12.50 -30.18 20.76
C PHE B 153 -13.67 -30.96 21.34
N PRO B 154 -13.36 -32.06 22.05
CA PRO B 154 -14.39 -32.87 22.73
C PRO B 154 -15.29 -31.99 23.59
N CYS B 155 -16.59 -32.08 23.40
CA CYS B 155 -17.55 -31.25 24.14
C CYS B 155 -18.83 -31.97 24.53
N ASP B 156 -19.36 -31.61 25.69
CA ASP B 156 -20.66 -32.11 26.15
C ASP B 156 -21.72 -31.00 26.25
N VAL B 157 -21.26 -29.75 26.31
CA VAL B 157 -22.13 -28.57 26.37
C VAL B 157 -21.95 -27.79 25.07
N PHE B 158 -23.05 -27.38 24.44
CA PHE B 158 -22.98 -26.70 23.14
C PHE B 158 -23.77 -25.41 23.09
N PHE B 159 -23.29 -24.46 22.29
CA PHE B 159 -24.02 -23.23 22.01
C PHE B 159 -25.16 -23.56 21.05
N PRO B 160 -26.38 -23.08 21.36
CA PRO B 160 -27.54 -23.42 20.52
C PRO B 160 -27.39 -22.91 19.11
N ALA B 161 -27.92 -23.64 18.14
CA ALA B 161 -27.88 -23.23 16.74
C ALA B 161 -28.66 -21.93 16.54
N PHE B 162 -28.27 -21.16 15.53
CA PHE B 162 -28.87 -19.85 15.28
C PHE B 162 -28.74 -19.46 13.81
N PRO B 163 -29.69 -18.64 13.31
CA PRO B 163 -29.63 -18.17 11.93
C PRO B 163 -28.35 -17.37 11.67
N GLY B 164 -27.49 -17.90 10.81
CA GLY B 164 -26.24 -17.23 10.46
C GLY B 164 -25.04 -17.85 11.15
N ASP B 165 -25.18 -19.08 11.60
CA ASP B 165 -24.05 -19.83 12.17
C ASP B 165 -23.19 -20.41 11.06
N ASP B 166 -23.33 -19.84 9.86
CA ASP B 166 -22.46 -20.15 8.74
C ASP B 166 -21.07 -19.54 8.96
N ILE B 167 -20.99 -18.58 9.89
CA ILE B 167 -19.71 -18.00 10.29
C ILE B 167 -18.81 -19.00 10.99
N LEU B 168 -19.42 -20.04 11.55
CA LEU B 168 -18.68 -21.08 12.25
C LEU B 168 -18.24 -22.19 11.30
N SER B 169 -19.21 -22.73 10.56
CA SER B 169 -18.97 -23.87 9.67
C SER B 169 -19.96 -23.92 8.50
N ASN B 170 -19.72 -24.85 7.60
CA ASN B 170 -20.57 -25.04 6.43
C ASN B 170 -21.86 -25.78 6.78
N LYS B 171 -22.94 -25.42 6.09
CA LYS B 171 -24.25 -26.05 6.29
C LYS B 171 -24.71 -26.81 5.04
N ALA B 181 -35.46 -12.83 11.48
CA ALA B 181 -34.57 -12.50 12.59
C ALA B 181 -33.25 -13.27 12.51
N THR B 182 -32.25 -12.66 11.87
CA THR B 182 -30.96 -13.29 11.66
C THR B 182 -29.81 -12.48 12.26
N TYR B 183 -28.65 -13.13 12.41
CA TYR B 183 -27.45 -12.48 12.89
C TYR B 183 -26.41 -12.44 11.78
N ARG B 184 -26.03 -11.22 11.40
CA ARG B 184 -25.00 -11.03 10.37
C ARG B 184 -23.73 -10.47 11.00
N PRO B 185 -22.56 -10.97 10.55
CA PRO B 185 -21.29 -10.46 11.06
C PRO B 185 -21.08 -8.99 10.71
N ILE B 186 -20.58 -8.21 11.68
CA ILE B 186 -20.35 -6.79 11.49
C ILE B 186 -18.89 -6.43 11.80
N PHE B 187 -18.13 -7.44 12.23
CA PHE B 187 -16.75 -7.27 12.68
C PHE B 187 -16.04 -8.61 12.62
N ILE B 188 -14.90 -8.65 11.95
CA ILE B 188 -14.06 -9.85 11.93
C ILE B 188 -12.59 -9.49 12.10
N SER B 189 -11.98 -10.03 13.15
CA SER B 189 -10.61 -9.71 13.55
C SER B 189 -9.58 -10.59 12.89
N LYS B 190 -8.31 -10.18 12.93
CA LYS B 190 -7.23 -11.04 12.46
C LYS B 190 -7.13 -12.27 13.36
N THR B 191 -6.53 -13.32 12.83
CA THR B 191 -6.40 -14.59 13.55
C THR B 191 -5.29 -14.53 14.59
N PHE B 192 -5.67 -14.84 15.83
CA PHE B 192 -4.73 -15.01 16.94
C PHE B 192 -4.56 -16.49 17.22
N SER B 193 -3.51 -16.84 17.97
CA SER B 193 -3.31 -18.21 18.42
C SER B 193 -2.61 -18.29 19.77
N ASP B 194 -3.03 -19.27 20.57
CA ASP B 194 -2.40 -19.57 21.85
C ASP B 194 -2.44 -21.07 22.13
N ASN B 195 -1.38 -21.57 22.75
CA ASN B 195 -1.22 -23.01 23.01
C ASN B 195 -1.55 -23.89 21.82
N GLY B 196 -1.10 -23.48 20.64
CA GLY B 196 -1.34 -24.22 19.40
C GLY B 196 -2.80 -24.32 19.02
N VAL B 197 -3.56 -23.28 19.33
CA VAL B 197 -5.00 -23.21 19.02
C VAL B 197 -5.30 -21.88 18.33
N PRO B 198 -5.67 -21.92 17.04
CA PRO B 198 -5.97 -20.69 16.31
C PRO B 198 -7.42 -20.22 16.54
N TYR B 199 -7.59 -18.91 16.72
CA TYR B 199 -8.90 -18.34 16.96
C TYR B 199 -8.99 -16.87 16.59
N ASP B 200 -10.21 -16.37 16.43
CA ASP B 200 -10.42 -14.95 16.23
C ASP B 200 -11.80 -14.52 16.71
N PHE B 201 -12.03 -13.21 16.65
CA PHE B 201 -13.20 -12.59 17.27
C PHE B 201 -14.14 -12.03 16.24
N VAL B 202 -15.41 -12.37 16.37
CA VAL B 202 -16.43 -11.75 15.54
C VAL B 202 -17.48 -11.09 16.40
N VAL B 203 -18.17 -10.12 15.80
CA VAL B 203 -19.36 -9.55 16.40
C VAL B 203 -20.46 -9.66 15.36
N LEU B 204 -21.53 -10.36 15.73
CA LEU B 204 -22.69 -10.47 14.86
C LEU B 204 -23.79 -9.59 15.42
N GLU B 205 -24.48 -8.89 14.51
CA GLU B 205 -25.57 -8.00 14.89
C GLU B 205 -26.90 -8.63 14.47
N LYS B 206 -27.88 -8.54 15.36
CA LYS B 206 -29.24 -8.98 15.06
C LYS B 206 -29.82 -8.06 14.00
N ARG B 207 -30.39 -8.63 12.94
CA ARG B 207 -30.75 -7.85 11.75
C ARG B 207 -32.22 -7.83 11.34
N ARG B 208 -32.84 -9.01 11.27
CA ARG B 208 -34.19 -9.15 10.68
C ARG B 208 -34.20 -8.69 9.23
N SER B 241 -14.68 25.57 10.90
CA SER B 241 -14.52 25.67 9.45
C SER B 241 -13.06 25.46 9.00
N SER B 242 -12.31 24.74 9.83
CA SER B 242 -10.92 24.38 9.51
C SER B 242 -10.84 23.35 8.37
N ALA B 243 -11.96 22.69 8.10
CA ALA B 243 -12.08 21.70 7.03
C ALA B 243 -13.01 22.20 5.91
N ALA B 244 -13.74 23.29 6.19
CA ALA B 244 -14.66 23.88 5.22
C ALA B 244 -13.92 24.57 4.07
N ALA B 245 -12.75 25.12 4.38
CA ALA B 245 -11.89 25.78 3.38
C ALA B 245 -11.36 24.81 2.34
N ILE B 246 -10.94 23.63 2.79
CA ILE B 246 -10.42 22.58 1.91
C ILE B 246 -11.51 21.92 1.07
N ALA B 247 -12.69 21.74 1.66
CA ALA B 247 -13.79 20.96 1.08
C ALA B 247 -14.17 21.23 -0.41
N PRO B 248 -14.45 22.50 -0.79
CA PRO B 248 -14.89 22.72 -2.17
C PRO B 248 -13.79 22.45 -3.19
N VAL B 249 -12.54 22.57 -2.74
CA VAL B 249 -11.37 22.25 -3.58
C VAL B 249 -11.36 20.75 -3.87
N LEU B 250 -11.74 19.95 -2.88
CA LEU B 250 -11.92 18.52 -3.06
C LEU B 250 -13.14 18.21 -3.92
N ALA B 251 -14.16 19.05 -3.86
CA ALA B 251 -15.42 18.84 -4.58
C ALA B 251 -15.27 18.75 -6.11
N TRP B 252 -14.47 19.64 -6.69
CA TRP B 252 -14.26 19.60 -8.14
C TRP B 252 -13.26 18.52 -8.58
N MET B 253 -12.46 18.02 -7.64
CA MET B 253 -11.41 17.06 -7.96
C MET B 253 -11.91 15.65 -8.24
N ASP B 254 -12.93 15.22 -7.49
CA ASP B 254 -13.38 13.83 -7.50
C ASP B 254 -13.93 13.38 -8.86
N GLU B 255 -14.84 14.17 -9.42
CA GLU B 255 -15.15 14.17 -10.87
C GLU B 255 -15.21 12.84 -11.64
N GLU B 256 -16.02 11.91 -11.14
CA GLU B 256 -16.44 10.67 -11.83
C GLU B 256 -17.25 9.76 -10.91
N LEU B 266 -18.47 -0.35 -7.57
CA LEU B 266 -19.69 -1.11 -7.76
C LEU B 266 -19.75 -2.34 -6.84
N ILE B 267 -18.89 -3.32 -7.09
CA ILE B 267 -18.88 -4.59 -6.35
C ILE B 267 -18.07 -4.50 -5.06
N ARG B 268 -18.60 -5.07 -3.98
CA ARG B 268 -17.89 -5.08 -2.70
C ARG B 268 -17.86 -6.45 -2.01
N ALA B 269 -16.81 -6.68 -1.24
CA ALA B 269 -16.63 -7.92 -0.50
C ALA B 269 -17.29 -7.79 0.85
N VAL B 270 -18.22 -8.71 1.14
CA VAL B 270 -18.89 -8.78 2.44
C VAL B 270 -19.18 -7.40 3.03
N PRO B 271 -20.03 -6.61 2.34
CA PRO B 271 -20.13 -5.16 2.56
C PRO B 271 -20.51 -4.75 3.99
N HIS B 272 -21.36 -5.56 4.61
CA HIS B 272 -21.85 -5.33 5.99
C HIS B 272 -20.74 -5.40 7.04
N VAL B 273 -19.70 -6.18 6.78
CA VAL B 273 -18.56 -6.30 7.68
C VAL B 273 -17.74 -5.00 7.65
N HIS B 274 -17.90 -4.19 8.69
CA HIS B 274 -17.28 -2.87 8.74
C HIS B 274 -15.86 -2.84 9.31
N PHE B 275 -15.63 -3.42 10.49
CA PHE B 275 -14.25 -3.61 10.95
C PHE B 275 -13.62 -4.88 10.41
N ARG B 276 -12.62 -4.69 9.56
CA ARG B 276 -12.08 -5.74 8.74
C ARG B 276 -10.65 -6.09 9.14
N GLY B 277 -10.51 -6.66 10.33
CA GLY B 277 -9.21 -7.10 10.82
C GLY B 277 -8.62 -8.25 10.03
N HIS B 278 -9.45 -9.25 9.71
CA HIS B 278 -8.96 -10.46 9.05
C HIS B 278 -8.10 -10.13 7.82
N GLU B 279 -6.94 -10.76 7.72
CA GLU B 279 -6.00 -10.45 6.65
C GLU B 279 -6.44 -10.94 5.27
N GLU B 280 -7.43 -11.83 5.25
CA GLU B 280 -7.97 -12.32 3.98
C GLU B 280 -8.72 -11.22 3.25
N PHE B 281 -9.06 -10.14 3.96
CA PHE B 281 -9.74 -9.02 3.32
C PHE B 281 -8.88 -8.38 2.23
N GLN B 282 -7.56 -8.44 2.38
CA GLN B 282 -6.63 -7.98 1.35
C GLN B 282 -6.92 -8.65 0.02
N TYR B 283 -6.94 -9.97 0.02
CA TYR B 283 -7.23 -10.76 -1.18
C TYR B 283 -8.62 -10.45 -1.74
N LEU B 284 -9.63 -10.36 -0.87
CA LEU B 284 -11.00 -10.07 -1.29
C LEU B 284 -11.19 -8.63 -1.80
N ASP B 285 -10.60 -7.66 -1.13
CA ASP B 285 -10.63 -6.28 -1.60
C ASP B 285 -9.85 -6.13 -2.89
N LEU B 286 -8.85 -7.00 -3.08
CA LEU B 286 -8.03 -7.00 -4.27
C LEU B 286 -8.84 -7.53 -5.46
N ILE B 287 -9.68 -8.53 -5.21
CA ILE B 287 -10.59 -9.04 -6.25
C ILE B 287 -11.56 -7.95 -6.66
N ALA B 288 -12.32 -7.43 -5.68
CA ALA B 288 -13.28 -6.37 -5.93
C ALA B 288 -12.65 -5.25 -6.75
N ASP B 289 -11.52 -4.75 -6.29
CA ASP B 289 -10.77 -3.69 -6.97
C ASP B 289 -10.53 -3.97 -8.46
N ILE B 290 -10.00 -5.15 -8.79
CA ILE B 290 -9.72 -5.51 -10.19
C ILE B 290 -10.99 -5.55 -11.01
N ILE B 291 -12.06 -6.08 -10.44
CA ILE B 291 -13.37 -6.09 -11.10
C ILE B 291 -13.95 -4.67 -11.24
N ASN B 292 -13.84 -3.85 -10.20
CA ASN B 292 -14.36 -2.49 -10.27
C ASN B 292 -13.53 -1.55 -11.13
N ASN B 293 -12.21 -1.68 -11.09
CA ASN B 293 -11.32 -0.67 -11.67
C ASN B 293 -10.22 -1.23 -12.58
N GLY B 294 -10.38 -2.47 -13.00
CA GLY B 294 -9.42 -3.08 -13.92
C GLY B 294 -9.65 -2.61 -15.34
N ARG B 295 -8.87 -3.16 -16.27
CA ARG B 295 -8.99 -2.84 -17.68
C ARG B 295 -9.10 -4.12 -18.48
N THR B 296 -10.12 -4.22 -19.33
CA THR B 296 -10.34 -5.42 -20.14
C THR B 296 -9.27 -5.56 -21.23
N MET B 297 -8.59 -6.70 -21.23
CA MET B 297 -7.48 -6.96 -22.13
C MET B 297 -7.69 -8.23 -22.93
N ASP B 298 -6.90 -8.41 -23.98
CA ASP B 298 -6.78 -9.69 -24.67
C ASP B 298 -5.65 -10.49 -24.05
N ASP B 299 -5.36 -11.66 -24.60
CA ASP B 299 -4.51 -12.62 -23.91
C ASP B 299 -3.73 -13.54 -24.85
N ARG B 300 -2.67 -14.13 -24.32
CA ARG B 300 -1.97 -15.24 -24.96
C ARG B 300 -2.91 -16.45 -25.07
N THR B 301 -3.70 -16.68 -24.03
CA THR B 301 -4.61 -17.82 -23.96
C THR B 301 -5.77 -17.72 -24.96
N GLY B 302 -6.22 -16.49 -25.21
CA GLY B 302 -7.42 -16.27 -26.02
C GLY B 302 -8.62 -15.93 -25.15
N VAL B 303 -8.62 -16.41 -23.91
CA VAL B 303 -9.60 -16.03 -22.90
C VAL B 303 -9.36 -14.58 -22.52
N GLY B 304 -10.44 -13.81 -22.37
CA GLY B 304 -10.32 -12.40 -21.99
C GLY B 304 -9.81 -12.24 -20.57
N VAL B 305 -9.32 -11.04 -20.26
CA VAL B 305 -8.73 -10.76 -18.94
C VAL B 305 -9.11 -9.36 -18.44
N ILE B 306 -9.36 -9.25 -17.14
CA ILE B 306 -9.41 -7.93 -16.49
C ILE B 306 -8.18 -7.81 -15.59
N SER B 307 -7.35 -6.80 -15.84
CA SER B 307 -6.07 -6.74 -15.15
C SER B 307 -5.76 -5.37 -14.56
N LYS B 308 -4.87 -5.38 -13.59
CA LYS B 308 -4.25 -4.21 -13.05
C LYS B 308 -2.79 -4.50 -12.84
N PHE B 309 -1.97 -3.49 -12.75
CA PHE B 309 -0.54 -3.66 -12.64
C PHE B 309 -0.02 -3.08 -11.35
N GLY B 310 0.71 -3.85 -10.57
CA GLY B 310 1.30 -3.37 -9.35
C GLY B 310 0.39 -3.53 -8.15
N CYS B 311 0.57 -4.57 -7.38
CA CYS B 311 -0.32 -4.82 -6.27
C CYS B 311 0.40 -5.45 -5.12
N THR B 312 -0.17 -5.33 -3.94
CA THR B 312 0.53 -5.73 -2.73
C THR B 312 -0.40 -6.23 -1.65
N MET B 313 -0.11 -7.45 -1.18
CA MET B 313 -0.67 -7.93 0.08
C MET B 313 0.46 -8.34 1.00
N ARG B 314 0.23 -8.34 2.29
CA ARG B 314 1.14 -9.01 3.18
C ARG B 314 0.46 -9.76 4.31
N TYR B 315 1.08 -10.82 4.77
CA TYR B 315 0.46 -11.75 5.72
C TYR B 315 1.37 -12.09 6.91
N SER B 316 0.79 -12.06 8.11
CA SER B 316 1.50 -12.41 9.35
C SER B 316 1.72 -13.91 9.45
N LEU B 317 2.91 -14.32 9.89
CA LEU B 317 3.24 -15.74 10.03
C LEU B 317 3.48 -16.20 11.46
N ASP B 318 3.33 -15.30 12.42
CA ASP B 318 3.62 -15.60 13.81
C ASP B 318 2.46 -16.24 14.56
N GLN B 319 1.23 -15.79 14.29
CA GLN B 319 0.06 -16.30 14.99
C GLN B 319 -0.56 -17.48 14.27
N ALA B 320 -0.74 -17.34 12.95
CA ALA B 320 -1.40 -18.38 12.15
C ALA B 320 -0.76 -18.50 10.76
N PHE B 321 -1.41 -19.28 9.90
CA PHE B 321 -0.94 -19.50 8.54
C PHE B 321 -2.01 -19.04 7.55
N PRO B 322 -1.61 -18.23 6.56
CA PRO B 322 -2.55 -17.64 5.60
C PRO B 322 -3.02 -18.64 4.55
N LEU B 323 -3.67 -19.70 5.01
CA LEU B 323 -4.33 -20.64 4.10
C LEU B 323 -5.74 -20.13 3.90
N LEU B 324 -5.94 -19.39 2.81
CA LEU B 324 -7.18 -18.65 2.59
C LEU B 324 -8.42 -19.49 2.82
N THR B 325 -9.37 -18.95 3.58
CA THR B 325 -10.50 -19.70 4.10
C THR B 325 -11.80 -19.54 3.31
N THR B 326 -11.79 -18.65 2.32
CA THR B 326 -13.02 -18.31 1.60
C THR B 326 -13.30 -19.28 0.45
N LYS B 327 -12.33 -20.14 0.18
CA LYS B 327 -12.48 -21.35 -0.63
C LYS B 327 -11.35 -22.31 -0.30
N ARG B 328 -11.68 -23.59 -0.17
CA ARG B 328 -10.69 -24.62 0.11
C ARG B 328 -9.49 -24.53 -0.84
N VAL B 329 -8.32 -24.34 -0.26
CA VAL B 329 -7.08 -24.34 -1.02
C VAL B 329 -6.51 -25.76 -1.05
N PHE B 330 -6.09 -26.20 -2.23
CA PHE B 330 -5.55 -27.53 -2.43
C PHE B 330 -4.15 -27.57 -1.83
N TRP B 331 -4.11 -27.74 -0.50
CA TRP B 331 -2.85 -27.69 0.26
C TRP B 331 -1.89 -28.83 -0.07
N LYS B 332 -2.44 -30.02 -0.30
CA LYS B 332 -1.64 -31.15 -0.74
C LYS B 332 -0.81 -30.71 -1.94
N GLY B 333 -1.43 -29.94 -2.82
CA GLY B 333 -0.77 -29.42 -4.01
C GLY B 333 0.36 -28.43 -3.75
N VAL B 334 0.18 -27.54 -2.78
CA VAL B 334 1.21 -26.54 -2.50
C VAL B 334 2.42 -27.22 -1.85
N LEU B 335 2.14 -28.21 -1.01
CA LEU B 335 3.18 -28.96 -0.31
C LEU B 335 3.98 -29.83 -1.28
N GLU B 336 3.26 -30.61 -2.06
CA GLU B 336 3.88 -31.51 -3.01
C GLU B 336 4.73 -30.74 -4.01
N GLU B 337 4.25 -29.58 -4.43
CA GLU B 337 4.91 -28.78 -5.44
C GLU B 337 6.14 -28.04 -4.91
N LEU B 338 6.02 -27.52 -3.69
CA LEU B 338 7.12 -26.80 -3.07
C LEU B 338 8.27 -27.76 -2.78
N LEU B 339 7.93 -28.95 -2.33
CA LEU B 339 8.92 -29.99 -2.11
C LEU B 339 9.63 -30.32 -3.43
N TRP B 340 8.84 -30.43 -4.49
CA TRP B 340 9.30 -30.67 -5.84
C TRP B 340 10.27 -29.57 -6.31
N PHE B 341 9.88 -28.31 -6.11
CA PHE B 341 10.74 -27.15 -6.37
C PHE B 341 12.10 -27.30 -5.71
N ILE B 342 12.09 -27.58 -4.40
CA ILE B 342 13.31 -27.61 -3.60
C ILE B 342 14.30 -28.69 -4.06
N ARG B 343 13.77 -29.79 -4.57
CA ARG B 343 14.61 -30.85 -5.13
C ARG B 343 15.22 -30.43 -6.46
N GLY B 344 14.67 -29.37 -7.06
CA GLY B 344 15.08 -28.94 -8.38
C GLY B 344 14.52 -29.83 -9.47
N ASP B 345 13.47 -30.57 -9.12
CA ASP B 345 12.82 -31.50 -10.02
C ASP B 345 12.05 -30.77 -11.12
N THR B 346 12.25 -31.20 -12.36
CA THR B 346 11.61 -30.59 -13.53
C THR B 346 10.73 -31.57 -14.30
N ASN B 347 10.58 -32.77 -13.74
CA ASN B 347 9.68 -33.78 -14.27
C ASN B 347 8.31 -33.63 -13.60
N ALA B 348 7.30 -33.26 -14.38
CA ALA B 348 5.97 -32.98 -13.83
C ALA B 348 5.21 -34.25 -13.49
N ASN B 349 5.61 -35.37 -14.09
CA ASN B 349 4.96 -36.66 -13.84
C ASN B 349 5.12 -37.14 -12.40
N HIS B 350 6.20 -36.70 -11.74
CA HIS B 350 6.39 -36.97 -10.33
C HIS B 350 5.30 -36.29 -9.48
N LEU B 351 4.80 -35.15 -9.94
CA LEU B 351 3.67 -34.47 -9.27
C LEU B 351 2.35 -35.15 -9.59
N SER B 352 2.17 -35.50 -10.86
CA SER B 352 0.93 -36.08 -11.35
C SER B 352 0.66 -37.45 -10.75
N GLU B 353 1.71 -38.27 -10.63
CA GLU B 353 1.62 -39.60 -10.01
C GLU B 353 1.22 -39.54 -8.54
N LYS B 354 1.44 -38.38 -7.91
CA LYS B 354 1.05 -38.19 -6.51
C LYS B 354 -0.35 -37.57 -6.39
N GLY B 355 -1.03 -37.42 -7.52
CA GLY B 355 -2.38 -36.85 -7.53
C GLY B 355 -2.41 -35.34 -7.60
N VAL B 356 -1.32 -34.74 -8.07
CA VAL B 356 -1.22 -33.31 -8.23
C VAL B 356 -1.00 -33.02 -9.71
N LYS B 357 -2.08 -32.67 -10.40
CA LYS B 357 -2.07 -32.55 -11.86
C LYS B 357 -1.92 -31.10 -12.34
N ILE B 358 -1.41 -30.24 -11.46
CA ILE B 358 -1.30 -28.80 -11.73
C ILE B 358 -0.49 -28.42 -12.98
N TRP B 359 0.54 -29.20 -13.30
CA TRP B 359 1.44 -28.85 -14.40
C TRP B 359 1.18 -29.63 -15.69
N ASP B 360 0.20 -30.53 -15.65
CA ASP B 360 -0.06 -31.47 -16.73
C ASP B 360 -0.45 -30.79 -18.04
N LYS B 361 -1.47 -29.93 -17.98
CA LYS B 361 -1.93 -29.18 -19.16
C LYS B 361 -0.81 -28.39 -19.83
N ASN B 362 0.22 -28.05 -19.05
CA ASN B 362 1.33 -27.24 -19.54
C ASN B 362 2.59 -28.04 -19.85
N VAL B 363 2.46 -29.36 -19.96
CA VAL B 363 3.56 -30.22 -20.41
C VAL B 363 3.09 -31.35 -21.33
N THR B 364 1.89 -31.20 -21.88
CA THR B 364 1.34 -32.13 -22.88
C THR B 364 2.12 -32.01 -24.18
N ARG B 365 2.09 -33.07 -24.98
CA ARG B 365 2.74 -33.09 -26.29
C ARG B 365 2.33 -31.86 -27.14
N GLU B 366 1.04 -31.57 -27.15
CA GLU B 366 0.47 -30.44 -27.88
C GLU B 366 1.07 -29.09 -27.47
N PHE B 367 1.04 -28.78 -26.18
CA PHE B 367 1.53 -27.49 -25.68
C PHE B 367 3.02 -27.29 -25.92
N LEU B 368 3.80 -28.35 -25.72
CA LEU B 368 5.24 -28.31 -25.93
C LEU B 368 5.61 -27.88 -27.35
N ASP B 369 4.76 -28.24 -28.31
CA ASP B 369 4.98 -27.91 -29.71
C ASP B 369 4.49 -26.51 -30.09
N SER B 370 3.46 -26.03 -29.39
CA SER B 370 3.02 -24.64 -29.54
C SER B 370 4.12 -23.72 -29.00
N ARG B 371 4.70 -24.15 -27.88
CA ARG B 371 5.86 -23.50 -27.27
C ARG B 371 7.14 -23.82 -28.05
N ASN B 372 7.00 -24.61 -29.12
CA ASN B 372 8.08 -24.86 -30.08
C ASN B 372 9.23 -25.69 -29.50
N LEU B 373 8.87 -26.76 -28.81
CA LEU B 373 9.85 -27.67 -28.20
C LEU B 373 9.46 -29.12 -28.50
N PRO B 374 9.64 -29.56 -29.76
CA PRO B 374 9.18 -30.89 -30.17
C PRO B 374 9.98 -32.01 -29.53
N HIS B 375 11.22 -31.72 -29.15
CA HIS B 375 12.16 -32.71 -28.62
C HIS B 375 11.95 -33.03 -27.14
N ARG B 376 11.12 -32.23 -26.46
CA ARG B 376 10.87 -32.42 -25.03
C ARG B 376 9.94 -33.60 -24.79
N GLU B 377 10.30 -34.46 -23.84
CA GLU B 377 9.43 -35.55 -23.42
C GLU B 377 8.19 -34.99 -22.71
N VAL B 378 7.08 -35.72 -22.76
CA VAL B 378 5.84 -35.30 -22.09
C VAL B 378 6.08 -35.27 -20.58
N GLY B 379 5.89 -34.09 -19.98
CA GLY B 379 6.13 -33.92 -18.56
C GLY B 379 7.22 -32.92 -18.22
N ASP B 380 8.17 -32.75 -19.13
CA ASP B 380 9.37 -31.94 -18.87
C ASP B 380 9.05 -30.45 -18.91
N ILE B 381 9.26 -29.75 -17.80
CA ILE B 381 9.00 -28.31 -17.75
C ILE B 381 10.23 -27.49 -18.16
N GLY B 382 11.23 -28.19 -18.70
CA GLY B 382 12.51 -27.57 -19.08
C GLY B 382 13.27 -27.13 -17.83
N PRO B 383 14.15 -26.17 -17.97
CA PRO B 383 14.86 -25.62 -16.83
C PRO B 383 14.07 -24.55 -16.11
N GLY B 384 13.08 -25.00 -15.36
CA GLY B 384 12.12 -24.19 -14.64
C GLY B 384 12.45 -23.91 -13.20
N TYR B 385 11.44 -23.60 -12.40
CA TYR B 385 11.65 -22.88 -11.17
C TYR B 385 12.61 -23.61 -10.31
N GLY B 386 12.40 -24.90 -10.14
CA GLY B 386 13.20 -25.64 -9.20
C GLY B 386 14.63 -25.61 -9.65
N PHE B 387 14.81 -25.76 -10.93
CA PHE B 387 16.12 -25.89 -11.49
C PHE B 387 16.93 -24.65 -11.24
N GLN B 388 16.29 -23.51 -11.43
CA GLN B 388 17.00 -22.25 -11.31
C GLN B 388 17.38 -21.95 -9.87
N TRP B 389 16.51 -22.34 -8.93
CA TRP B 389 16.78 -22.24 -7.51
C TRP B 389 18.06 -22.99 -7.17
N ARG B 390 18.17 -24.21 -7.66
CA ARG B 390 19.24 -25.11 -7.22
C ARG B 390 20.45 -25.19 -8.15
N HIS B 391 20.25 -24.88 -9.43
CA HIS B 391 21.33 -24.92 -10.41
C HIS B 391 21.19 -23.80 -11.42
N PHE B 392 21.31 -22.56 -10.96
CA PHE B 392 21.13 -21.41 -11.85
C PHE B 392 22.20 -21.33 -12.93
N GLY B 393 21.75 -21.21 -14.18
CA GLY B 393 22.64 -21.01 -15.32
C GLY B 393 23.33 -22.27 -15.82
N ALA B 394 23.00 -23.39 -15.22
CA ALA B 394 23.54 -24.68 -15.63
C ALA B 394 23.01 -25.06 -17.01
N ALA B 395 23.73 -25.94 -17.69
CA ALA B 395 23.33 -26.40 -19.03
C ALA B 395 22.31 -27.53 -18.95
N TYR B 396 21.05 -27.22 -19.27
CA TYR B 396 19.97 -28.20 -19.19
C TYR B 396 20.05 -29.26 -20.29
N LYS B 397 19.68 -30.49 -19.95
CA LYS B 397 19.54 -31.55 -20.94
C LYS B 397 18.10 -32.05 -20.95
N ASP B 398 17.72 -32.84 -19.95
CA ASP B 398 16.33 -33.27 -19.79
C ASP B 398 15.99 -33.46 -18.31
N MET B 399 14.74 -33.86 -18.04
CA MET B 399 14.28 -34.09 -16.66
C MET B 399 14.99 -35.26 -15.97
N HIS B 400 15.62 -36.11 -16.76
CA HIS B 400 16.26 -37.33 -16.25
C HIS B 400 17.73 -37.15 -15.91
N THR B 401 18.33 -36.06 -16.40
CA THR B 401 19.75 -35.78 -16.16
C THR B 401 20.03 -35.38 -14.70
N ASP B 402 21.19 -35.79 -14.20
CA ASP B 402 21.65 -35.39 -12.87
C ASP B 402 22.48 -34.12 -12.97
N TYR B 403 22.02 -33.05 -12.32
CA TYR B 403 22.69 -31.75 -12.38
C TYR B 403 23.36 -31.38 -11.05
N THR B 404 23.63 -32.38 -10.22
CA THR B 404 24.22 -32.14 -8.91
C THR B 404 25.56 -31.40 -9.02
N GLY B 405 25.79 -30.46 -8.11
CA GLY B 405 27.00 -29.65 -8.10
C GLY B 405 27.04 -28.58 -9.19
N GLN B 406 26.16 -28.72 -10.18
CA GLN B 406 26.08 -27.76 -11.29
C GLN B 406 25.30 -26.51 -10.93
N GLY B 407 25.56 -25.43 -11.68
CA GLY B 407 24.90 -24.14 -11.51
C GLY B 407 25.20 -23.49 -10.17
N VAL B 408 24.45 -22.44 -9.85
CA VAL B 408 24.52 -21.83 -8.53
C VAL B 408 23.33 -22.27 -7.68
N ASP B 409 23.62 -22.80 -6.50
CA ASP B 409 22.59 -23.25 -5.57
C ASP B 409 22.10 -22.05 -4.76
N GLN B 410 21.18 -21.30 -5.35
CA GLN B 410 20.70 -20.07 -4.72
C GLN B 410 20.10 -20.35 -3.36
N LEU B 411 19.37 -21.46 -3.23
CA LEU B 411 18.70 -21.78 -1.98
C LEU B 411 19.69 -21.98 -0.83
N LYS B 412 20.71 -22.79 -1.08
CA LYS B 412 21.72 -23.08 -0.08
C LYS B 412 22.47 -21.81 0.35
N ASN B 413 22.81 -20.97 -0.63
CA ASN B 413 23.49 -19.72 -0.36
C ASN B 413 22.66 -18.79 0.52
N VAL B 414 21.36 -18.72 0.25
CA VAL B 414 20.43 -17.91 1.03
C VAL B 414 20.38 -18.35 2.50
N ILE B 415 20.41 -19.66 2.72
CA ILE B 415 20.37 -20.21 4.07
C ILE B 415 21.68 -19.98 4.83
N GLN B 416 22.81 -20.20 4.14
CA GLN B 416 24.13 -19.96 4.74
C GLN B 416 24.30 -18.51 5.16
N MET B 417 23.88 -17.60 4.28
CA MET B 417 23.87 -16.17 4.57
C MET B 417 22.98 -15.87 5.78
N LEU B 418 21.77 -16.44 5.80
CA LEU B 418 20.84 -16.27 6.91
C LEU B 418 21.40 -16.72 8.25
N ARG B 419 22.17 -17.80 8.22
CA ARG B 419 22.68 -18.40 9.45
C ARG B 419 23.95 -17.72 9.97
N THR B 420 24.73 -17.11 9.08
CA THR B 420 26.00 -16.51 9.47
C THR B 420 25.99 -14.97 9.42
N ASN B 421 25.33 -14.40 8.42
CA ASN B 421 25.31 -12.95 8.27
C ASN B 421 23.93 -12.44 7.84
N PRO B 422 22.96 -12.43 8.77
CA PRO B 422 21.57 -12.10 8.45
C PRO B 422 21.26 -10.61 8.25
N THR B 423 22.29 -9.76 8.22
CA THR B 423 22.09 -8.33 7.98
C THR B 423 22.42 -7.98 6.53
N ASP B 424 23.13 -8.89 5.88
CA ASP B 424 23.42 -8.83 4.45
C ASP B 424 22.13 -8.62 3.65
N ARG B 425 22.17 -7.71 2.68
CA ARG B 425 20.97 -7.36 1.90
C ARG B 425 21.01 -7.97 0.49
N ARG B 426 21.76 -9.06 0.34
CA ARG B 426 21.87 -9.79 -0.91
C ARG B 426 21.38 -11.23 -0.72
N MET B 427 20.26 -11.38 0.00
CA MET B 427 19.69 -12.70 0.30
C MET B 427 18.51 -13.00 -0.62
N LEU B 428 18.82 -13.17 -1.90
CA LEU B 428 17.83 -13.30 -2.95
C LEU B 428 17.93 -14.62 -3.68
N MET B 429 16.82 -15.01 -4.28
CA MET B 429 16.73 -16.22 -5.06
C MET B 429 15.85 -15.91 -6.25
N THR B 430 16.42 -16.06 -7.44
CA THR B 430 15.66 -15.76 -8.66
C THR B 430 15.43 -16.98 -9.53
N ALA B 431 14.27 -17.02 -10.18
CA ALA B 431 13.94 -18.07 -11.14
C ALA B 431 14.06 -17.56 -12.58
N TRP B 432 14.12 -16.23 -12.74
CA TRP B 432 14.21 -15.61 -14.05
C TRP B 432 15.62 -15.73 -14.63
N ASN B 433 15.73 -16.43 -15.74
CA ASN B 433 17.00 -16.56 -16.43
C ASN B 433 16.81 -16.29 -17.92
N PRO B 434 17.00 -15.02 -18.34
CA PRO B 434 16.78 -14.57 -19.72
C PRO B 434 17.33 -15.55 -20.75
N ALA B 435 18.51 -16.11 -20.48
CA ALA B 435 19.19 -17.01 -21.42
C ALA B 435 18.45 -18.33 -21.64
N ALA B 436 17.62 -18.73 -20.69
CA ALA B 436 16.97 -20.04 -20.72
C ALA B 436 15.46 -20.04 -20.98
N LEU B 437 14.84 -18.86 -20.97
CA LEU B 437 13.38 -18.73 -21.09
C LEU B 437 12.74 -19.58 -22.19
N ASP B 438 13.33 -19.55 -23.39
CA ASP B 438 12.82 -20.30 -24.53
C ASP B 438 12.79 -21.80 -24.29
N GLU B 439 13.73 -22.29 -23.48
CA GLU B 439 13.84 -23.72 -23.18
C GLU B 439 12.82 -24.17 -22.15
N MET B 440 12.23 -23.22 -21.44
CA MET B 440 11.21 -23.51 -20.45
C MET B 440 9.88 -23.76 -21.12
N ALA B 441 9.06 -24.61 -20.51
CA ALA B 441 7.70 -24.85 -21.00
C ALA B 441 6.85 -23.60 -20.78
N LEU B 442 7.12 -22.88 -19.70
CA LEU B 442 6.42 -21.66 -19.37
C LEU B 442 7.37 -20.83 -18.51
N PRO B 443 7.56 -19.54 -18.87
CA PRO B 443 8.36 -18.63 -18.03
C PRO B 443 7.78 -18.51 -16.62
N PRO B 444 8.66 -18.46 -15.60
CA PRO B 444 8.17 -18.47 -14.22
C PRO B 444 7.30 -17.24 -13.89
N CYS B 445 6.21 -17.47 -13.16
CA CYS B 445 5.35 -16.38 -12.69
C CYS B 445 5.97 -15.74 -11.46
N HIS B 446 5.98 -16.49 -10.35
CA HIS B 446 6.75 -16.08 -9.19
C HIS B 446 8.20 -16.33 -9.53
N LEU B 447 8.95 -15.24 -9.71
CA LEU B 447 10.29 -15.30 -10.27
C LEU B 447 11.38 -14.87 -9.30
N LEU B 448 11.01 -14.24 -8.20
CA LEU B 448 12.01 -13.75 -7.25
C LEU B 448 11.50 -13.68 -5.81
N CYS B 449 12.40 -13.97 -4.87
CA CYS B 449 12.09 -13.81 -3.46
C CYS B 449 13.29 -13.32 -2.65
N GLN B 450 13.04 -12.34 -1.77
CA GLN B 450 14.07 -11.81 -0.90
C GLN B 450 13.70 -12.12 0.55
N PHE B 451 14.71 -12.44 1.36
CA PHE B 451 14.53 -12.74 2.78
C PHE B 451 15.16 -11.66 3.66
N TYR B 452 14.63 -11.49 4.87
CA TYR B 452 15.05 -10.42 5.77
C TYR B 452 14.96 -10.84 7.22
N VAL B 453 15.95 -10.46 8.02
CA VAL B 453 15.95 -10.72 9.47
C VAL B 453 16.10 -9.43 10.25
N ASN B 454 15.33 -9.28 11.32
CA ASN B 454 15.40 -8.11 12.19
C ASN B 454 16.13 -8.39 13.51
N ASP B 455 15.85 -7.57 14.53
CA ASP B 455 16.50 -7.67 15.85
C ASP B 455 16.17 -8.94 16.62
N GLN B 456 14.89 -9.33 16.57
CA GLN B 456 14.37 -10.42 17.40
C GLN B 456 14.49 -11.80 16.72
N LYS B 457 15.36 -11.90 15.73
CA LYS B 457 15.55 -13.14 14.96
C LYS B 457 14.25 -13.61 14.26
N GLU B 458 13.48 -12.64 13.78
CA GLU B 458 12.25 -12.90 13.06
C GLU B 458 12.46 -12.73 11.55
N LEU B 459 12.04 -13.74 10.80
CA LEU B 459 12.31 -13.81 9.37
C LEU B 459 11.10 -13.38 8.56
N SER B 460 11.32 -12.50 7.59
CA SER B 460 10.30 -12.11 6.64
C SER B 460 10.75 -12.42 5.21
N CYS B 461 9.78 -12.58 4.31
CA CYS B 461 10.05 -12.96 2.93
C CYS B 461 9.19 -12.17 1.96
N ILE B 462 9.83 -11.58 0.95
CA ILE B 462 9.13 -10.91 -0.16
C ILE B 462 9.21 -11.80 -1.37
N MET B 463 8.07 -11.99 -2.04
CA MET B 463 8.05 -12.68 -3.31
C MET B 463 7.47 -11.79 -4.41
N TYR B 464 8.17 -11.69 -5.53
CA TYR B 464 7.68 -10.94 -6.68
C TYR B 464 7.17 -11.84 -7.80
N GLN B 465 5.93 -11.61 -8.18
CA GLN B 465 5.24 -12.38 -9.22
C GLN B 465 4.87 -11.46 -10.38
N ARG B 466 5.28 -11.83 -11.60
CA ARG B 466 5.05 -10.99 -12.79
C ARG B 466 3.60 -11.00 -13.25
N SER B 467 2.96 -12.15 -13.10
CA SER B 467 1.68 -12.42 -13.71
C SER B 467 0.87 -13.22 -12.72
N CYS B 468 -0.24 -12.65 -12.27
CA CYS B 468 -1.01 -13.25 -11.19
C CYS B 468 -2.42 -13.61 -11.62
N ASP B 469 -2.73 -14.91 -11.59
CA ASP B 469 -4.11 -15.38 -11.74
C ASP B 469 -4.74 -15.29 -10.36
N VAL B 470 -5.66 -14.35 -10.22
CA VAL B 470 -6.18 -13.99 -8.91
C VAL B 470 -7.16 -15.03 -8.37
N GLY B 471 -8.03 -15.53 -9.23
CA GLY B 471 -9.01 -16.53 -8.84
C GLY B 471 -8.35 -17.84 -8.43
N LEU B 472 -7.34 -18.24 -9.19
CA LEU B 472 -6.77 -19.58 -9.07
C LEU B 472 -5.38 -19.58 -8.46
N GLY B 473 -4.43 -18.91 -9.12
CA GLY B 473 -3.03 -18.96 -8.72
C GLY B 473 -2.65 -18.29 -7.41
N VAL B 474 -3.20 -17.11 -7.16
CA VAL B 474 -2.78 -16.29 -6.03
C VAL B 474 -2.86 -17.01 -4.68
N PRO B 475 -4.04 -17.51 -4.30
CA PRO B 475 -4.09 -18.15 -2.97
C PRO B 475 -3.14 -19.34 -2.85
N PHE B 476 -2.89 -20.03 -3.95
CA PHE B 476 -1.95 -21.13 -3.99
C PHE B 476 -0.51 -20.62 -3.80
N ASN B 477 -0.18 -19.50 -4.45
CA ASN B 477 1.15 -18.88 -4.34
C ASN B 477 1.41 -18.21 -2.98
N ILE B 478 0.35 -17.72 -2.34
CA ILE B 478 0.45 -17.15 -0.99
C ILE B 478 0.87 -18.24 -0.02
N ALA B 479 0.10 -19.32 0.00
CA ALA B 479 0.34 -20.45 0.89
C ALA B 479 1.68 -21.12 0.59
N SER B 480 2.07 -21.11 -0.67
CA SER B 480 3.31 -21.76 -1.10
C SER B 480 4.55 -21.10 -0.52
N TYR B 481 4.62 -19.78 -0.64
CA TYR B 481 5.78 -19.03 -0.15
C TYR B 481 5.76 -18.81 1.35
N SER B 482 4.56 -18.72 1.91
CA SER B 482 4.40 -18.67 3.37
C SER B 482 4.91 -19.95 4.00
N LEU B 483 4.71 -21.08 3.32
CA LEU B 483 5.25 -22.35 3.79
C LEU B 483 6.77 -22.38 3.70
N LEU B 484 7.31 -21.93 2.56
CA LEU B 484 8.75 -21.85 2.36
C LEU B 484 9.42 -21.05 3.46
N THR B 485 8.74 -19.98 3.89
CA THR B 485 9.25 -19.13 4.95
C THR B 485 9.37 -19.93 6.25
N LEU B 486 8.34 -20.70 6.59
CA LEU B 486 8.37 -21.53 7.81
C LEU B 486 9.53 -22.52 7.78
N MET B 487 9.71 -23.15 6.63
CA MET B 487 10.76 -24.13 6.42
C MET B 487 12.16 -23.55 6.63
N VAL B 488 12.42 -22.40 5.98
CA VAL B 488 13.69 -21.70 6.13
C VAL B 488 13.88 -21.20 7.58
N ALA B 489 12.85 -20.56 8.13
CA ALA B 489 12.89 -20.05 9.49
C ALA B 489 13.29 -21.13 10.48
N HIS B 490 12.71 -22.32 10.33
CA HIS B 490 13.03 -23.43 11.23
C HIS B 490 14.47 -23.85 11.09
N VAL B 491 14.90 -24.03 9.85
CA VAL B 491 16.23 -24.47 9.51
C VAL B 491 17.32 -23.45 9.87
N CYS B 492 16.96 -22.18 9.94
CA CYS B 492 17.90 -21.13 10.31
C CYS B 492 17.77 -20.72 11.77
N ASN B 493 16.85 -21.36 12.48
CA ASN B 493 16.59 -21.01 13.86
C ASN B 493 15.99 -19.63 14.02
N LEU B 494 15.01 -19.33 13.19
CA LEU B 494 14.38 -18.03 13.18
C LEU B 494 12.88 -18.18 13.37
N LYS B 495 12.27 -17.17 13.94
CA LYS B 495 10.82 -17.10 14.02
C LYS B 495 10.25 -16.59 12.69
N PRO B 496 9.22 -17.25 12.15
CA PRO B 496 8.56 -16.66 10.98
C PRO B 496 7.79 -15.41 11.38
N LYS B 497 7.96 -14.33 10.63
CA LYS B 497 7.30 -13.07 10.94
C LYS B 497 6.24 -12.73 9.90
N GLU B 498 6.67 -12.44 8.68
CA GLU B 498 5.77 -11.87 7.68
C GLU B 498 6.09 -12.30 6.27
N PHE B 499 5.05 -12.57 5.50
CA PHE B 499 5.19 -12.78 4.06
C PHE B 499 4.58 -11.61 3.29
N ILE B 500 5.36 -11.06 2.38
CA ILE B 500 4.98 -9.89 1.59
C ILE B 500 4.84 -10.26 0.11
N HIS B 501 3.67 -10.00 -0.45
CA HIS B 501 3.39 -10.36 -1.84
C HIS B 501 3.44 -9.17 -2.80
N PHE B 502 4.40 -9.22 -3.72
CA PHE B 502 4.56 -8.20 -4.75
C PHE B 502 4.12 -8.70 -6.12
N MET B 503 3.12 -8.04 -6.68
CA MET B 503 2.50 -8.51 -7.92
C MET B 503 2.67 -7.53 -9.08
N GLY B 504 2.95 -8.07 -10.26
CA GLY B 504 3.04 -7.28 -11.49
C GLY B 504 1.70 -7.19 -12.16
N ASN B 505 1.56 -7.83 -13.32
CA ASN B 505 0.28 -7.90 -14.00
C ASN B 505 -0.69 -8.79 -13.22
N THR B 506 -1.67 -8.15 -12.60
CA THR B 506 -2.60 -8.81 -11.71
C THR B 506 -3.98 -8.88 -12.34
N HIS B 507 -4.44 -10.10 -12.62
CA HIS B 507 -5.63 -10.27 -13.46
C HIS B 507 -6.61 -11.33 -13.01
N VAL B 508 -7.90 -11.06 -13.25
CA VAL B 508 -8.95 -12.04 -13.12
C VAL B 508 -9.51 -12.33 -14.51
N TYR B 509 -9.63 -13.61 -14.86
CA TYR B 509 -10.19 -14.06 -16.14
C TYR B 509 -11.70 -13.83 -16.18
N THR B 510 -12.20 -13.42 -17.34
CA THR B 510 -13.63 -13.12 -17.51
C THR B 510 -14.57 -14.29 -17.19
N ASN B 511 -14.13 -15.51 -17.50
CA ASN B 511 -14.91 -16.73 -17.21
C ASN B 511 -14.89 -17.14 -15.73
N HIS B 512 -14.03 -16.50 -14.94
CA HIS B 512 -14.02 -16.70 -13.48
C HIS B 512 -14.89 -15.68 -12.75
N VAL B 513 -15.26 -14.60 -13.43
CA VAL B 513 -15.95 -13.44 -12.82
C VAL B 513 -17.27 -13.80 -12.13
N GLU B 514 -18.05 -14.66 -12.76
N GLU B 514 -18.06 -14.65 -12.77
CA GLU B 514 -19.33 -15.12 -12.20
CA GLU B 514 -19.33 -15.14 -12.20
C GLU B 514 -19.10 -15.88 -10.89
C GLU B 514 -19.06 -15.84 -10.87
N ALA B 515 -18.08 -16.74 -10.87
CA ALA B 515 -17.72 -17.53 -9.70
C ALA B 515 -17.11 -16.72 -8.55
N LEU B 516 -16.39 -15.64 -8.88
CA LEU B 516 -15.75 -14.81 -7.87
C LEU B 516 -16.74 -13.94 -7.11
N LYS B 517 -17.80 -13.51 -7.79
CA LYS B 517 -18.86 -12.73 -7.14
C LYS B 517 -19.50 -13.52 -6.01
N GLU B 518 -19.62 -14.83 -6.20
CA GLU B 518 -20.08 -15.78 -5.18
C GLU B 518 -19.12 -15.84 -4.00
N GLN B 519 -17.83 -15.80 -4.30
CA GLN B 519 -16.78 -15.88 -3.29
C GLN B 519 -16.76 -14.62 -2.41
N LEU B 520 -17.05 -13.47 -3.01
CA LEU B 520 -17.03 -12.20 -2.28
C LEU B 520 -18.27 -11.95 -1.41
N ARG B 521 -19.17 -12.93 -1.36
CA ARG B 521 -20.28 -12.89 -0.41
C ARG B 521 -19.92 -13.65 0.87
N ARG B 522 -18.84 -14.43 0.80
CA ARG B 522 -18.41 -15.30 1.90
C ARG B 522 -17.53 -14.54 2.88
N GLU B 523 -17.88 -14.59 4.15
CA GLU B 523 -17.03 -14.00 5.20
C GLU B 523 -16.02 -15.03 5.71
N PRO B 524 -14.73 -14.65 5.75
CA PRO B 524 -13.66 -15.60 6.00
C PRO B 524 -13.70 -16.23 7.40
N ARG B 525 -13.14 -17.43 7.49
CA ARG B 525 -12.99 -18.16 8.76
C ARG B 525 -11.58 -17.92 9.31
N PRO B 526 -11.33 -18.23 10.59
CA PRO B 526 -9.98 -18.02 11.10
C PRO B 526 -8.94 -18.87 10.38
N PHE B 527 -7.81 -18.25 10.05
CA PHE B 527 -6.68 -18.96 9.45
C PHE B 527 -6.27 -20.12 10.34
N PRO B 528 -5.82 -21.24 9.73
CA PRO B 528 -5.36 -22.36 10.51
C PRO B 528 -3.90 -22.19 10.91
N ILE B 529 -3.41 -23.09 11.74
CA ILE B 529 -1.99 -23.16 12.08
C ILE B 529 -1.34 -24.29 11.30
N VAL B 530 -0.18 -24.02 10.73
CA VAL B 530 0.65 -25.09 10.17
C VAL B 530 1.77 -25.38 11.16
N ASN B 531 1.91 -26.65 11.53
CA ASN B 531 3.04 -27.08 12.36
C ASN B 531 4.03 -27.90 11.57
N ILE B 532 5.31 -27.67 11.83
CA ILE B 532 6.33 -28.59 11.38
C ILE B 532 6.42 -29.67 12.42
N LEU B 533 6.26 -30.92 12.00
CA LEU B 533 6.47 -32.07 12.88
C LEU B 533 7.93 -32.53 12.76
N ASN B 534 8.37 -33.36 13.72
CA ASN B 534 9.72 -33.92 13.72
C ASN B 534 10.81 -32.84 13.70
N LYS B 535 10.58 -31.77 14.48
CA LYS B 535 11.42 -30.58 14.48
C LYS B 535 12.90 -30.89 14.69
N GLU B 536 13.18 -31.98 15.38
CA GLU B 536 14.55 -32.39 15.71
C GLU B 536 15.21 -33.06 14.51
N ARG B 537 14.43 -33.84 13.77
CA ARG B 537 14.95 -34.61 12.64
C ARG B 537 15.41 -33.73 11.48
N ILE B 538 14.77 -32.57 11.33
CA ILE B 538 14.97 -31.68 10.18
C ILE B 538 16.01 -30.58 10.48
N LYS B 539 17.17 -30.69 9.86
CA LYS B 539 18.26 -29.76 10.10
C LYS B 539 18.68 -28.97 8.85
N GLU B 540 18.33 -29.51 7.68
CA GLU B 540 18.60 -28.86 6.40
C GLU B 540 17.32 -28.79 5.57
N ILE B 541 17.26 -27.81 4.66
CA ILE B 541 16.07 -27.58 3.84
C ILE B 541 15.68 -28.79 2.99
N ASP B 542 16.65 -29.65 2.72
CA ASP B 542 16.42 -30.85 1.94
C ASP B 542 15.83 -32.00 2.77
N ASP B 543 15.71 -31.80 4.08
CA ASP B 543 15.26 -32.85 4.99
C ASP B 543 13.75 -32.95 5.17
N PHE B 544 13.02 -31.91 4.75
CA PHE B 544 11.57 -31.89 4.83
C PHE B 544 10.94 -32.91 3.88
N THR B 545 9.93 -33.61 4.37
CA THR B 545 9.13 -34.49 3.52
C THR B 545 7.66 -34.13 3.69
N ALA B 546 6.81 -34.71 2.85
CA ALA B 546 5.37 -34.44 2.86
C ALA B 546 4.67 -34.76 4.19
N GLU B 547 5.28 -35.62 5.00
CA GLU B 547 4.65 -36.04 6.26
C GLU B 547 5.05 -35.18 7.45
N ASP B 548 5.88 -34.17 7.21
CA ASP B 548 6.46 -33.36 8.28
C ASP B 548 5.64 -32.10 8.61
N PHE B 549 4.39 -32.09 8.19
CA PHE B 549 3.50 -30.94 8.38
C PHE B 549 2.11 -31.41 8.77
N GLU B 550 1.40 -30.54 9.47
CA GLU B 550 0.06 -30.85 9.92
C GLU B 550 -0.70 -29.52 9.97
N VAL B 551 -1.70 -29.40 9.10
CA VAL B 551 -2.56 -28.22 9.10
C VAL B 551 -3.56 -28.38 10.24
N VAL B 552 -3.71 -27.33 11.02
CA VAL B 552 -4.51 -27.40 12.21
C VAL B 552 -5.60 -26.31 12.19
N GLY B 553 -6.85 -26.74 12.31
CA GLY B 553 -7.99 -25.83 12.44
C GLY B 553 -8.51 -25.24 11.14
N TYR B 554 -8.19 -25.87 10.03
CA TYR B 554 -8.63 -25.35 8.73
C TYR B 554 -10.10 -25.68 8.47
N VAL B 555 -10.93 -24.64 8.50
CA VAL B 555 -12.36 -24.78 8.27
C VAL B 555 -12.81 -23.85 7.13
N PRO B 556 -12.36 -24.14 5.89
CA PRO B 556 -12.72 -23.26 4.79
C PRO B 556 -14.17 -23.42 4.36
N HIS B 557 -14.65 -22.49 3.54
CA HIS B 557 -15.93 -22.61 2.85
C HIS B 557 -15.80 -23.64 1.74
N GLY B 558 -16.92 -24.18 1.27
CA GLY B 558 -16.94 -25.18 0.20
C GLY B 558 -16.18 -24.80 -1.07
N ARG B 559 -15.84 -25.79 -1.88
CA ARG B 559 -15.03 -25.57 -3.09
C ARG B 559 -15.76 -24.77 -4.17
N ILE B 560 -14.97 -24.06 -4.97
CA ILE B 560 -15.47 -23.33 -6.14
C ILE B 560 -14.69 -23.78 -7.39
N GLN B 561 -15.41 -24.27 -8.39
CA GLN B 561 -14.80 -24.71 -9.63
C GLN B 561 -14.40 -23.54 -10.52
N MET B 562 -13.12 -23.54 -10.90
CA MET B 562 -12.56 -22.55 -11.81
C MET B 562 -11.70 -23.28 -12.84
N GLU B 563 -11.93 -22.98 -14.11
CA GLU B 563 -11.17 -23.60 -15.21
C GLU B 563 -9.80 -22.94 -15.38
N MET B 564 -8.76 -23.78 -15.45
CA MET B 564 -7.40 -23.31 -15.69
C MET B 564 -7.24 -22.91 -17.16
N ALA B 565 -6.85 -21.66 -17.40
CA ALA B 565 -6.53 -21.19 -18.74
C ALA B 565 -5.35 -22.01 -19.28
N VAL B 566 -5.64 -22.84 -20.28
CA VAL B 566 -4.73 -23.88 -20.77
C VAL B 566 -3.42 -23.37 -21.38
#